data_2QFF
# 
_entry.id   2QFF 
# 
_audit_conform.dict_name       mmcif_pdbx.dic 
_audit_conform.dict_version    5.397 
_audit_conform.dict_location   http://mmcif.pdb.org/dictionaries/ascii/mmcif_pdbx.dic 
# 
loop_
_database_2.database_id 
_database_2.database_code 
_database_2.pdbx_database_accession 
_database_2.pdbx_DOI 
PDB   2QFF         pdb_00002qff 10.2210/pdb2qff/pdb 
RCSB  RCSB043530   ?            ?                   
WWPDB D_1000043530 ?            ?                   
# 
loop_
_pdbx_audit_revision_history.ordinal 
_pdbx_audit_revision_history.data_content_type 
_pdbx_audit_revision_history.major_revision 
_pdbx_audit_revision_history.minor_revision 
_pdbx_audit_revision_history.revision_date 
1 'Structure model' 1 0 2007-09-04 
2 'Structure model' 1 1 2011-07-13 
3 'Structure model' 1 2 2024-10-30 
# 
_pdbx_audit_revision_details.ordinal             1 
_pdbx_audit_revision_details.revision_ordinal    1 
_pdbx_audit_revision_details.data_content_type   'Structure model' 
_pdbx_audit_revision_details.provider            repository 
_pdbx_audit_revision_details.type                'Initial release' 
_pdbx_audit_revision_details.description         ? 
_pdbx_audit_revision_details.details             ? 
# 
loop_
_pdbx_audit_revision_group.ordinal 
_pdbx_audit_revision_group.revision_ordinal 
_pdbx_audit_revision_group.data_content_type 
_pdbx_audit_revision_group.group 
1 2 'Structure model' Advisory                    
2 2 'Structure model' 'Refinement description'    
3 2 'Structure model' 'Source and taxonomy'       
4 2 'Structure model' 'Version format compliance' 
5 3 'Structure model' 'Data collection'           
6 3 'Structure model' 'Database references'       
7 3 'Structure model' 'Derived calculations'      
8 3 'Structure model' 'Structure summary'         
# 
loop_
_pdbx_audit_revision_category.ordinal 
_pdbx_audit_revision_category.revision_ordinal 
_pdbx_audit_revision_category.data_content_type 
_pdbx_audit_revision_category.category 
1 3 'Structure model' chem_comp_atom            
2 3 'Structure model' chem_comp_bond            
3 3 'Structure model' database_2                
4 3 'Structure model' pdbx_entry_details        
5 3 'Structure model' pdbx_modification_feature 
6 3 'Structure model' struct_conn               
# 
loop_
_pdbx_audit_revision_item.ordinal 
_pdbx_audit_revision_item.revision_ordinal 
_pdbx_audit_revision_item.data_content_type 
_pdbx_audit_revision_item.item 
1 3 'Structure model' '_database_2.pdbx_DOI'                
2 3 'Structure model' '_database_2.pdbx_database_accession' 
3 3 'Structure model' '_struct_conn.pdbx_leaving_atom_flag' 
# 
_pdbx_database_status.status_code                     REL 
_pdbx_database_status.entry_id                        2QFF 
_pdbx_database_status.recvd_initial_deposition_date   2007-06-27 
_pdbx_database_status.deposit_site                    RCSB 
_pdbx_database_status.process_site                    RCSB 
_pdbx_database_status.status_code_sf                  REL 
_pdbx_database_status.status_code_mr                  ? 
_pdbx_database_status.SG_entry                        ? 
_pdbx_database_status.pdb_format_compatible           Y 
_pdbx_database_status.status_code_cs                  ? 
_pdbx_database_status.status_code_nmr_data            ? 
_pdbx_database_status.methods_development_category    ? 
# 
loop_
_audit_author.name 
_audit_author.pdbx_ordinal 
'Milder, F.J.'        1 
'Rooijakkers, S.H.M.' 2 
'Bardoel, B.W.'       3 
'Ruyken, M.'          4 
'Van Strijp, J.A.G.'  5 
'Gros, P.'            6 
# 
_citation.id                        primary 
_citation.title                     'Staphylococcal complement inhibitor: structure and active sites.' 
_citation.journal_abbrev            J.Immunol. 
_citation.journal_volume            179 
_citation.page_first                2989 
_citation.page_last                 2998 
_citation.year                      2007 
_citation.journal_id_ASTM           JOIMA3 
_citation.country                   US 
_citation.journal_id_ISSN           0022-1767 
_citation.journal_id_CSD            0952 
_citation.book_publisher            ? 
_citation.pdbx_database_id_PubMed   17709514 
_citation.pdbx_database_id_DOI      ? 
# 
loop_
_citation_author.citation_id 
_citation_author.name 
_citation_author.ordinal 
_citation_author.identifier_ORCID 
primary 'Rooijakkers, S.H.' 1 ? 
primary 'Milder, F.J.'      2 ? 
primary 'Bardoel, B.W.'     3 ? 
primary 'Ruyken, M.'        4 ? 
primary 'van Strijp, J.A.'  5 ? 
primary 'Gros, P.'          6 ? 
# 
loop_
_entity.id 
_entity.type 
_entity.src_method 
_entity.pdbx_description 
_entity.formula_weight 
_entity.pdbx_number_of_molecules 
_entity.pdbx_ec 
_entity.pdbx_mutation 
_entity.pdbx_fragment 
_entity.details 
1 polymer man 'Hypothetical protein' 9533.494 1  ? ? ? ? 
2 water   nat water                  18.015   42 ? ? ? ? 
# 
_entity_poly.entity_id                      1 
_entity_poly.type                           'polypeptide(L)' 
_entity_poly.nstd_linkage                   no 
_entity_poly.nstd_monomer                   yes 
_entity_poly.pdbx_seq_one_letter_code       
;STSLPTSNEYQNEKLANELKSLLDELNVNELATGSLNTYYKRTIKISGQKA(MSE)YALKSKDFKK(MSE)SEAKYQLQK
IYNEIDEALK
;
_entity_poly.pdbx_seq_one_letter_code_can   
;STSLPTSNEYQNEKLANELKSLLDELNVNELATGSLNTYYKRTIKISGQKAMYALKSKDFKKMSEAKYQLQKIYNEIDEA
LK
;
_entity_poly.pdbx_strand_id                 A 
_entity_poly.pdbx_target_identifier         ? 
# 
_pdbx_entity_nonpoly.entity_id   2 
_pdbx_entity_nonpoly.name        water 
_pdbx_entity_nonpoly.comp_id     HOH 
# 
loop_
_entity_poly_seq.entity_id 
_entity_poly_seq.num 
_entity_poly_seq.mon_id 
_entity_poly_seq.hetero 
1 1  SER n 
1 2  THR n 
1 3  SER n 
1 4  LEU n 
1 5  PRO n 
1 6  THR n 
1 7  SER n 
1 8  ASN n 
1 9  GLU n 
1 10 TYR n 
1 11 GLN n 
1 12 ASN n 
1 13 GLU n 
1 14 LYS n 
1 15 LEU n 
1 16 ALA n 
1 17 ASN n 
1 18 GLU n 
1 19 LEU n 
1 20 LYS n 
1 21 SER n 
1 22 LEU n 
1 23 LEU n 
1 24 ASP n 
1 25 GLU n 
1 26 LEU n 
1 27 ASN n 
1 28 VAL n 
1 29 ASN n 
1 30 GLU n 
1 31 LEU n 
1 32 ALA n 
1 33 THR n 
1 34 GLY n 
1 35 SER n 
1 36 LEU n 
1 37 ASN n 
1 38 THR n 
1 39 TYR n 
1 40 TYR n 
1 41 LYS n 
1 42 ARG n 
1 43 THR n 
1 44 ILE n 
1 45 LYS n 
1 46 ILE n 
1 47 SER n 
1 48 GLY n 
1 49 GLN n 
1 50 LYS n 
1 51 ALA n 
1 52 MSE n 
1 53 TYR n 
1 54 ALA n 
1 55 LEU n 
1 56 LYS n 
1 57 SER n 
1 58 LYS n 
1 59 ASP n 
1 60 PHE n 
1 61 LYS n 
1 62 LYS n 
1 63 MSE n 
1 64 SER n 
1 65 GLU n 
1 66 ALA n 
1 67 LYS n 
1 68 TYR n 
1 69 GLN n 
1 70 LEU n 
1 71 GLN n 
1 72 LYS n 
1 73 ILE n 
1 74 TYR n 
1 75 ASN n 
1 76 GLU n 
1 77 ILE n 
1 78 ASP n 
1 79 GLU n 
1 80 ALA n 
1 81 LEU n 
1 82 LYS n 
# 
_entity_src_gen.entity_id                          1 
_entity_src_gen.pdbx_src_id                        1 
_entity_src_gen.pdbx_alt_source_flag               sample 
_entity_src_gen.pdbx_seq_type                      ? 
_entity_src_gen.pdbx_beg_seq_num                   ? 
_entity_src_gen.pdbx_end_seq_num                   ? 
_entity_src_gen.gene_src_common_name               ? 
_entity_src_gen.gene_src_genus                     Staphylococcus 
_entity_src_gen.pdbx_gene_src_gene                 YP_041408/SAR2035 
_entity_src_gen.gene_src_species                   'Staphylococcus aureus' 
_entity_src_gen.gene_src_strain                    MRSA252 
_entity_src_gen.gene_src_tissue                    ? 
_entity_src_gen.gene_src_tissue_fraction           ? 
_entity_src_gen.gene_src_details                   ? 
_entity_src_gen.pdbx_gene_src_fragment             ? 
_entity_src_gen.pdbx_gene_src_scientific_name      'Staphylococcus aureus subsp. aureus' 
_entity_src_gen.pdbx_gene_src_ncbi_taxonomy_id     282458 
_entity_src_gen.pdbx_gene_src_variant              ? 
_entity_src_gen.pdbx_gene_src_cell_line            ? 
_entity_src_gen.pdbx_gene_src_atcc                 ? 
_entity_src_gen.pdbx_gene_src_organ                ? 
_entity_src_gen.pdbx_gene_src_organelle            ? 
_entity_src_gen.pdbx_gene_src_cell                 ? 
_entity_src_gen.pdbx_gene_src_cellular_location    ? 
_entity_src_gen.host_org_common_name               ? 
_entity_src_gen.pdbx_host_org_scientific_name      'Escherichia coli' 
_entity_src_gen.pdbx_host_org_ncbi_taxonomy_id     562 
_entity_src_gen.host_org_genus                     Escherichia 
_entity_src_gen.pdbx_host_org_gene                 ? 
_entity_src_gen.pdbx_host_org_organ                ? 
_entity_src_gen.host_org_species                   ? 
_entity_src_gen.pdbx_host_org_tissue               ? 
_entity_src_gen.pdbx_host_org_tissue_fraction      ? 
_entity_src_gen.pdbx_host_org_strain               'BL21 Star (DE3)' 
_entity_src_gen.pdbx_host_org_variant              ? 
_entity_src_gen.pdbx_host_org_cell_line            ? 
_entity_src_gen.pdbx_host_org_atcc                 ? 
_entity_src_gen.pdbx_host_org_culture_collection   ? 
_entity_src_gen.pdbx_host_org_cell                 ? 
_entity_src_gen.pdbx_host_org_organelle            ? 
_entity_src_gen.pdbx_host_org_cellular_location    ? 
_entity_src_gen.pdbx_host_org_vector_type          plasmid 
_entity_src_gen.pdbx_host_org_vector               ? 
_entity_src_gen.host_org_details                   ? 
_entity_src_gen.expression_system_id               ? 
_entity_src_gen.plasmid_name                       prSETB 
_entity_src_gen.plasmid_details                    ? 
_entity_src_gen.pdbx_description                   ? 
# 
loop_
_chem_comp.id 
_chem_comp.type 
_chem_comp.mon_nstd_flag 
_chem_comp.name 
_chem_comp.pdbx_synonyms 
_chem_comp.formula 
_chem_comp.formula_weight 
ALA 'L-peptide linking' y ALANINE          ? 'C3 H7 N O2'     89.093  
ARG 'L-peptide linking' y ARGININE         ? 'C6 H15 N4 O2 1' 175.209 
ASN 'L-peptide linking' y ASPARAGINE       ? 'C4 H8 N2 O3'    132.118 
ASP 'L-peptide linking' y 'ASPARTIC ACID'  ? 'C4 H7 N O4'     133.103 
GLN 'L-peptide linking' y GLUTAMINE        ? 'C5 H10 N2 O3'   146.144 
GLU 'L-peptide linking' y 'GLUTAMIC ACID'  ? 'C5 H9 N O4'     147.129 
GLY 'peptide linking'   y GLYCINE          ? 'C2 H5 N O2'     75.067  
HOH non-polymer         . WATER            ? 'H2 O'           18.015  
ILE 'L-peptide linking' y ISOLEUCINE       ? 'C6 H13 N O2'    131.173 
LEU 'L-peptide linking' y LEUCINE          ? 'C6 H13 N O2'    131.173 
LYS 'L-peptide linking' y LYSINE           ? 'C6 H15 N2 O2 1' 147.195 
MSE 'L-peptide linking' n SELENOMETHIONINE ? 'C5 H11 N O2 Se' 196.106 
PHE 'L-peptide linking' y PHENYLALANINE    ? 'C9 H11 N O2'    165.189 
PRO 'L-peptide linking' y PROLINE          ? 'C5 H9 N O2'     115.130 
SER 'L-peptide linking' y SERINE           ? 'C3 H7 N O3'     105.093 
THR 'L-peptide linking' y THREONINE        ? 'C4 H9 N O3'     119.119 
TYR 'L-peptide linking' y TYROSINE         ? 'C9 H11 N O3'    181.189 
VAL 'L-peptide linking' y VALINE           ? 'C5 H11 N O2'    117.146 
# 
loop_
_pdbx_poly_seq_scheme.asym_id 
_pdbx_poly_seq_scheme.entity_id 
_pdbx_poly_seq_scheme.seq_id 
_pdbx_poly_seq_scheme.mon_id 
_pdbx_poly_seq_scheme.ndb_seq_num 
_pdbx_poly_seq_scheme.pdb_seq_num 
_pdbx_poly_seq_scheme.auth_seq_num 
_pdbx_poly_seq_scheme.pdb_mon_id 
_pdbx_poly_seq_scheme.auth_mon_id 
_pdbx_poly_seq_scheme.pdb_strand_id 
_pdbx_poly_seq_scheme.pdb_ins_code 
_pdbx_poly_seq_scheme.hetero 
A 1 1  SER 1  1  ?  ?   ?   A . n 
A 1 2  THR 2  2  ?  ?   ?   A . n 
A 1 3  SER 3  3  ?  ?   ?   A . n 
A 1 4  LEU 4  4  ?  ?   ?   A . n 
A 1 5  PRO 5  5  ?  ?   ?   A . n 
A 1 6  THR 6  6  ?  ?   ?   A . n 
A 1 7  SER 7  7  ?  ?   ?   A . n 
A 1 8  ASN 8  8  ?  ?   ?   A . n 
A 1 9  GLU 9  9  9  GLU GLU A . n 
A 1 10 TYR 10 10 10 TYR TYR A . n 
A 1 11 GLN 11 11 11 GLN GLN A . n 
A 1 12 ASN 12 12 12 ASN ASN A . n 
A 1 13 GLU 13 13 13 GLU GLU A . n 
A 1 14 LYS 14 14 14 LYS LYS A . n 
A 1 15 LEU 15 15 15 LEU LEU A . n 
A 1 16 ALA 16 16 16 ALA ALA A . n 
A 1 17 ASN 17 17 17 ASN ASN A . n 
A 1 18 GLU 18 18 18 GLU GLU A . n 
A 1 19 LEU 19 19 19 LEU LEU A . n 
A 1 20 LYS 20 20 20 LYS LYS A . n 
A 1 21 SER 21 21 21 SER SER A . n 
A 1 22 LEU 22 22 22 LEU LEU A . n 
A 1 23 LEU 23 23 23 LEU LEU A . n 
A 1 24 ASP 24 24 24 ASP ASP A . n 
A 1 25 GLU 25 25 25 GLU GLU A . n 
A 1 26 LEU 26 26 26 LEU LEU A . n 
A 1 27 ASN 27 27 27 ASN ASN A . n 
A 1 28 VAL 28 28 28 VAL VAL A . n 
A 1 29 ASN 29 29 29 ASN ASN A . n 
A 1 30 GLU 30 30 30 GLU GLU A . n 
A 1 31 LEU 31 31 31 LEU LEU A . n 
A 1 32 ALA 32 32 32 ALA ALA A . n 
A 1 33 THR 33 33 33 THR THR A . n 
A 1 34 GLY 34 34 34 GLY GLY A . n 
A 1 35 SER 35 35 35 SER SER A . n 
A 1 36 LEU 36 36 36 LEU LEU A . n 
A 1 37 ASN 37 37 37 ASN ASN A . n 
A 1 38 THR 38 38 38 THR THR A . n 
A 1 39 TYR 39 39 39 TYR TYR A . n 
A 1 40 TYR 40 40 40 TYR TYR A . n 
A 1 41 LYS 41 41 41 LYS LYS A . n 
A 1 42 ARG 42 42 42 ARG ARG A . n 
A 1 43 THR 43 43 43 THR THR A . n 
A 1 44 ILE 44 44 44 ILE ILE A . n 
A 1 45 LYS 45 45 45 LYS LYS A . n 
A 1 46 ILE 46 46 46 ILE ILE A . n 
A 1 47 SER 47 47 47 SER SER A . n 
A 1 48 GLY 48 48 48 GLY GLY A . n 
A 1 49 GLN 49 49 49 GLN GLN A . n 
A 1 50 LYS 50 50 50 LYS LYS A . n 
A 1 51 ALA 51 51 51 ALA ALA A . n 
A 1 52 MSE 52 52 52 MSE MSE A . n 
A 1 53 TYR 53 53 53 TYR TYR A . n 
A 1 54 ALA 54 54 54 ALA ALA A . n 
A 1 55 LEU 55 55 55 LEU LEU A . n 
A 1 56 LYS 56 56 56 LYS LYS A . n 
A 1 57 SER 57 57 57 SER SER A . n 
A 1 58 LYS 58 58 58 LYS LYS A . n 
A 1 59 ASP 59 59 59 ASP ASP A . n 
A 1 60 PHE 60 60 60 PHE PHE A . n 
A 1 61 LYS 61 61 61 LYS LYS A . n 
A 1 62 LYS 62 62 62 LYS LYS A . n 
A 1 63 MSE 63 63 63 MSE MSE A . n 
A 1 64 SER 64 64 64 SER SER A . n 
A 1 65 GLU 65 65 65 GLU GLU A . n 
A 1 66 ALA 66 66 66 ALA ALA A . n 
A 1 67 LYS 67 67 67 LYS LYS A . n 
A 1 68 TYR 68 68 68 TYR TYR A . n 
A 1 69 GLN 69 69 69 GLN GLN A . n 
A 1 70 LEU 70 70 70 LEU LEU A . n 
A 1 71 GLN 71 71 71 GLN GLN A . n 
A 1 72 LYS 72 72 72 LYS LYS A . n 
A 1 73 ILE 73 73 73 ILE ILE A . n 
A 1 74 TYR 74 74 74 TYR TYR A . n 
A 1 75 ASN 75 75 75 ASN ASN A . n 
A 1 76 GLU 76 76 76 GLU GLU A . n 
A 1 77 ILE 77 77 77 ILE ILE A . n 
A 1 78 ASP 78 78 78 ASP ASP A . n 
A 1 79 GLU 79 79 79 GLU GLU A . n 
A 1 80 ALA 80 80 80 ALA ALA A . n 
A 1 81 LEU 81 81 81 LEU LEU A . n 
A 1 82 LYS 82 82 82 LYS LYS A . n 
# 
loop_
_pdbx_nonpoly_scheme.asym_id 
_pdbx_nonpoly_scheme.entity_id 
_pdbx_nonpoly_scheme.mon_id 
_pdbx_nonpoly_scheme.ndb_seq_num 
_pdbx_nonpoly_scheme.pdb_seq_num 
_pdbx_nonpoly_scheme.auth_seq_num 
_pdbx_nonpoly_scheme.pdb_mon_id 
_pdbx_nonpoly_scheme.auth_mon_id 
_pdbx_nonpoly_scheme.pdb_strand_id 
_pdbx_nonpoly_scheme.pdb_ins_code 
B 2 HOH 1  83  1  HOH HOH A . 
B 2 HOH 2  84  2  HOH HOH A . 
B 2 HOH 3  85  3  HOH HOH A . 
B 2 HOH 4  86  4  HOH HOH A . 
B 2 HOH 5  87  5  HOH HOH A . 
B 2 HOH 6  88  6  HOH HOH A . 
B 2 HOH 7  89  7  HOH HOH A . 
B 2 HOH 8  90  8  HOH HOH A . 
B 2 HOH 9  91  9  HOH HOH A . 
B 2 HOH 10 92  10 HOH HOH A . 
B 2 HOH 11 93  11 HOH HOH A . 
B 2 HOH 12 94  12 HOH HOH A . 
B 2 HOH 13 95  13 HOH HOH A . 
B 2 HOH 14 96  14 HOH HOH A . 
B 2 HOH 15 97  15 HOH HOH A . 
B 2 HOH 16 98  17 HOH HOH A . 
B 2 HOH 17 99  18 HOH HOH A . 
B 2 HOH 18 100 19 HOH HOH A . 
B 2 HOH 19 101 20 HOH HOH A . 
B 2 HOH 20 102 21 HOH HOH A . 
B 2 HOH 21 103 22 HOH HOH A . 
B 2 HOH 22 104 23 HOH HOH A . 
B 2 HOH 23 105 24 HOH HOH A . 
B 2 HOH 24 106 25 HOH HOH A . 
B 2 HOH 25 107 26 HOH HOH A . 
B 2 HOH 26 108 27 HOH HOH A . 
B 2 HOH 27 109 28 HOH HOH A . 
B 2 HOH 28 110 29 HOH HOH A . 
B 2 HOH 29 111 30 HOH HOH A . 
B 2 HOH 30 112 31 HOH HOH A . 
B 2 HOH 31 113 32 HOH HOH A . 
B 2 HOH 32 114 33 HOH HOH A . 
B 2 HOH 33 115 34 HOH HOH A . 
B 2 HOH 34 116 35 HOH HOH A . 
B 2 HOH 35 117 36 HOH HOH A . 
B 2 HOH 36 118 37 HOH HOH A . 
B 2 HOH 37 119 38 HOH HOH A . 
B 2 HOH 38 120 39 HOH HOH A . 
B 2 HOH 39 121 40 HOH HOH A . 
B 2 HOH 40 122 41 HOH HOH A . 
B 2 HOH 41 123 42 HOH HOH A . 
B 2 HOH 42 124 43 HOH HOH A . 
# 
loop_
_software.name 
_software.classification 
_software.version 
_software.citation_id 
_software.pdbx_ordinal 
REFMAC refinement       5.3.0008 ? 1 
MOSFLM 'data reduction' .        ? 2 
SCALA  'data scaling'   .        ? 3 
SOLVE  phasing          .        ? 4 
# 
_cell.entry_id           2QFF 
_cell.length_a           23.017 
_cell.length_b           42.775 
_cell.length_c           63.910 
_cell.angle_alpha        90.00 
_cell.angle_beta         90.00 
_cell.angle_gamma        90.00 
_cell.Z_PDB              4 
_cell.pdbx_unique_axis   ? 
_cell.length_a_esd       ? 
_cell.length_b_esd       ? 
_cell.length_c_esd       ? 
_cell.angle_alpha_esd    ? 
_cell.angle_beta_esd     ? 
_cell.angle_gamma_esd    ? 
# 
_symmetry.entry_id                         2QFF 
_symmetry.space_group_name_H-M             'P 21 21 21' 
_symmetry.pdbx_full_space_group_name_H-M   ? 
_symmetry.cell_setting                     ? 
_symmetry.Int_Tables_number                19 
_symmetry.space_group_name_Hall            ? 
# 
_exptl.entry_id          2QFF 
_exptl.method            'X-RAY DIFFRACTION' 
_exptl.crystals_number   1 
# 
_exptl_crystal.id                    1 
_exptl_crystal.density_meas          ? 
_exptl_crystal.density_Matthews      1.65 
_exptl_crystal.density_percent_sol   25.46 
_exptl_crystal.description           ? 
_exptl_crystal.F_000                 ? 
_exptl_crystal.preparation           ? 
# 
_exptl_crystal_grow.crystal_id      1 
_exptl_crystal_grow.method          'VAPOR DIFFUSION, HANGING DROP' 
_exptl_crystal_grow.temp            293 
_exptl_crystal_grow.temp_details    ? 
_exptl_crystal_grow.pH              8.5 
_exptl_crystal_grow.pdbx_details    
;protein solution: 24 mg/ml SCIN in 50 mM NaCl, 20 mM TRIS, pH 8.0  
well solution: 35% (w/v) PEG 1000, 0.1 M PCB-buffer (0.04 M sodium propionate, 0.02 M sodium cacodylate, 0.04 M bis-tris-propane) pH 8.5, VAPOR DIFFUSION, HANGING DROP, temperature 293K
;
_exptl_crystal_grow.pdbx_pH_range   . 
# 
_diffrn.id                     1 
_diffrn.ambient_temp           100 
_diffrn.ambient_temp_details   ? 
_diffrn.crystal_id             1 
# 
_diffrn_detector.diffrn_id              1 
_diffrn_detector.detector               CCD 
_diffrn_detector.type                   'ADSC QUANTUM 4' 
_diffrn_detector.pdbx_collection_date   2005-05-15 
_diffrn_detector.details                ? 
# 
_diffrn_radiation.diffrn_id                        1 
_diffrn_radiation.wavelength_id                    1 
_diffrn_radiation.pdbx_monochromatic_or_laue_m_l   M 
_diffrn_radiation.monochromator                    ? 
_diffrn_radiation.pdbx_diffrn_protocol             MAD 
_diffrn_radiation.pdbx_scattering_type             x-ray 
# 
loop_
_diffrn_radiation_wavelength.id 
_diffrn_radiation_wavelength.wavelength 
_diffrn_radiation_wavelength.wt 
1 0.9793 1.0 
2 0.9795 1.0 
3 0.9763 1.0 
# 
_diffrn_source.diffrn_id                   1 
_diffrn_source.source                      SYNCHROTRON 
_diffrn_source.type                        'ESRF BEAMLINE ID14-4' 
_diffrn_source.pdbx_synchrotron_site       ESRF 
_diffrn_source.pdbx_synchrotron_beamline   ID14-4 
_diffrn_source.pdbx_wavelength             ? 
_diffrn_source.pdbx_wavelength_list        '0.9793, 0.9795, 0.9763' 
# 
_reflns.entry_id                     2QFF 
_reflns.observed_criterion_sigma_F   ? 
_reflns.observed_criterion_sigma_I   ? 
_reflns.d_resolution_high            1.8 
_reflns.d_resolution_low             40 
_reflns.number_all                   ? 
_reflns.number_obs                   6281 
_reflns.percent_possible_obs         ? 
_reflns.pdbx_Rmerge_I_obs            0.081 
_reflns.pdbx_Rsym_value              ? 
_reflns.pdbx_netI_over_sigmaI        19.5 
_reflns.B_iso_Wilson_estimate        ? 
_reflns.pdbx_redundancy              7.1 
_reflns.R_free_details               ? 
_reflns.limit_h_max                  ? 
_reflns.limit_h_min                  ? 
_reflns.limit_k_max                  ? 
_reflns.limit_k_min                  ? 
_reflns.limit_l_max                  ? 
_reflns.limit_l_min                  ? 
_reflns.observed_criterion_F_max     ? 
_reflns.observed_criterion_F_min     ? 
_reflns.pdbx_chi_squared             ? 
_reflns.pdbx_scaling_rejects         ? 
_reflns.pdbx_ordinal                 1 
_reflns.pdbx_diffrn_id               1 
# 
_reflns_shell.d_res_high             1.8 
_reflns_shell.d_res_low              1.9 
_reflns_shell.percent_possible_all   ? 
_reflns_shell.Rmerge_I_obs           0.425 
_reflns_shell.pdbx_Rsym_value        ? 
_reflns_shell.meanI_over_sigI_obs    3.7 
_reflns_shell.pdbx_redundancy        7.5 
_reflns_shell.percent_possible_obs   ? 
_reflns_shell.number_unique_all      ? 
_reflns_shell.number_measured_all    ? 
_reflns_shell.number_measured_obs    ? 
_reflns_shell.number_unique_obs      ? 
_reflns_shell.pdbx_chi_squared       ? 
_reflns_shell.pdbx_ordinal           1 
_reflns_shell.pdbx_diffrn_id         1 
# 
_refine.entry_id                                 2QFF 
_refine.ls_number_reflns_obs                     5952 
_refine.ls_number_reflns_all                     ? 
_refine.pdbx_ls_sigma_I                          ? 
_refine.pdbx_ls_sigma_F                          ? 
_refine.pdbx_data_cutoff_high_absF               ? 
_refine.pdbx_data_cutoff_low_absF                ? 
_refine.pdbx_data_cutoff_high_rms_absF           ? 
_refine.ls_d_res_low                             35.56 
_refine.ls_d_res_high                            1.80 
_refine.ls_percent_reflns_obs                    99.87 
_refine.ls_R_factor_obs                          0.20221 
_refine.ls_R_factor_all                          ? 
_refine.ls_R_factor_R_work                       0.20113 
_refine.ls_R_factor_R_free                       0.2259 
_refine.ls_R_factor_R_free_error                 ? 
_refine.ls_R_factor_R_free_error_details         ? 
_refine.ls_percent_reflns_R_free                 4.7 
_refine.ls_number_reflns_R_free                  294 
_refine.ls_number_parameters                     ? 
_refine.ls_number_restraints                     ? 
_refine.occupancy_min                            ? 
_refine.occupancy_max                            ? 
_refine.correlation_coeff_Fo_to_Fc               0.949 
_refine.correlation_coeff_Fo_to_Fc_free          0.936 
_refine.B_iso_mean                               21.935 
_refine.aniso_B[1][1]                            -0.03 
_refine.aniso_B[2][2]                            -0.68 
_refine.aniso_B[3][3]                            0.71 
_refine.aniso_B[1][2]                            0.00 
_refine.aniso_B[1][3]                            0.00 
_refine.aniso_B[2][3]                            0.00 
_refine.solvent_model_details                    MASK 
_refine.solvent_model_param_ksol                 ? 
_refine.solvent_model_param_bsol                 ? 
_refine.pdbx_solvent_vdw_probe_radii             1.40 
_refine.pdbx_solvent_ion_probe_radii             0.80 
_refine.pdbx_solvent_shrinkage_radii             0.80 
_refine.pdbx_ls_cross_valid_method               THROUGHOUT 
_refine.details                                  'HYDROGENS HAVE BEEN ADDED IN THE RIDING POSITIONS' 
_refine.pdbx_starting_model                      ? 
_refine.pdbx_method_to_determine_struct          MAD 
_refine.pdbx_isotropic_thermal_model             ? 
_refine.pdbx_stereochemistry_target_values       'MAXIMUM LIKELIHOOD' 
_refine.pdbx_stereochem_target_val_spec_case     ? 
_refine.pdbx_R_Free_selection_details            RANDOM 
_refine.pdbx_overall_ESU_R                       0.166 
_refine.pdbx_overall_ESU_R_Free                  0.138 
_refine.overall_SU_ML                            0.100 
_refine.overall_SU_B                             6.349 
_refine.ls_redundancy_reflns_obs                 ? 
_refine.B_iso_min                                ? 
_refine.B_iso_max                                ? 
_refine.overall_SU_R_Cruickshank_DPI             ? 
_refine.overall_SU_R_free                        ? 
_refine.ls_wR_factor_R_free                      ? 
_refine.ls_wR_factor_R_work                      ? 
_refine.overall_FOM_free_R_set                   ? 
_refine.overall_FOM_work_R_set                   ? 
_refine.pdbx_refine_id                           'X-RAY DIFFRACTION' 
_refine.pdbx_TLS_residual_ADP_flag               'LIKELY RESIDUAL' 
_refine.pdbx_diffrn_id                           1 
_refine.pdbx_overall_phase_error                 ? 
_refine.pdbx_overall_SU_R_free_Cruickshank_DPI   ? 
_refine.pdbx_overall_SU_R_Blow_DPI               ? 
_refine.pdbx_overall_SU_R_free_Blow_DPI          ? 
# 
_refine_hist.pdbx_refine_id                   'X-RAY DIFFRACTION' 
_refine_hist.cycle_id                         LAST 
_refine_hist.pdbx_number_atoms_protein        607 
_refine_hist.pdbx_number_atoms_nucleic_acid   0 
_refine_hist.pdbx_number_atoms_ligand         0 
_refine_hist.number_atoms_solvent             42 
_refine_hist.number_atoms_total               649 
_refine_hist.d_res_high                       1.80 
_refine_hist.d_res_low                        35.56 
# 
loop_
_refine_ls_restr.type 
_refine_ls_restr.dev_ideal 
_refine_ls_restr.dev_ideal_target 
_refine_ls_restr.weight 
_refine_ls_restr.number 
_refine_ls_restr.pdbx_refine_id 
_refine_ls_restr.pdbx_restraint_function 
r_bond_refined_d         0.006  0.022  ? 633 'X-RAY DIFFRACTION' ? 
r_angle_refined_deg      0.792  1.999  ? 847 'X-RAY DIFFRACTION' ? 
r_dihedral_angle_1_deg   3.311  5.000  ? 76  'X-RAY DIFFRACTION' ? 
r_dihedral_angle_2_deg   36.603 26.667 ? 30  'X-RAY DIFFRACTION' ? 
r_dihedral_angle_3_deg   13.996 15.000 ? 138 'X-RAY DIFFRACTION' ? 
r_dihedral_angle_4_deg   0.364  15.000 ? 1   'X-RAY DIFFRACTION' ? 
r_chiral_restr           0.064  0.200  ? 92  'X-RAY DIFFRACTION' ? 
r_gen_planes_refined     0.003  0.020  ? 460 'X-RAY DIFFRACTION' ? 
r_nbd_refined            0.175  0.200  ? 302 'X-RAY DIFFRACTION' ? 
r_nbtor_refined          0.288  0.200  ? 454 'X-RAY DIFFRACTION' ? 
r_xyhbond_nbd_refined    0.090  0.200  ? 29  'X-RAY DIFFRACTION' ? 
r_symmetry_vdw_refined   0.150  0.200  ? 44  'X-RAY DIFFRACTION' ? 
r_symmetry_hbond_refined 0.220  0.200  ? 5   'X-RAY DIFFRACTION' ? 
r_mcbond_it              0.308  1.500  ? 399 'X-RAY DIFFRACTION' ? 
r_mcangle_it             0.478  2.000  ? 603 'X-RAY DIFFRACTION' ? 
r_scbond_it              0.942  3.000  ? 279 'X-RAY DIFFRACTION' ? 
r_scangle_it             1.528  4.500  ? 243 'X-RAY DIFFRACTION' ? 
# 
_refine_ls_shell.pdbx_total_number_of_bins_used   20 
_refine_ls_shell.d_res_high                       1.80 
_refine_ls_shell.d_res_low                        ? 
_refine_ls_shell.number_reflns_R_work             430 
_refine_ls_shell.R_factor_R_work                  ? 
_refine_ls_shell.percent_reflns_obs               ? 
_refine_ls_shell.R_factor_R_free                  ? 
_refine_ls_shell.R_factor_R_free_error            ? 
_refine_ls_shell.percent_reflns_R_free            ? 
_refine_ls_shell.number_reflns_R_free             ? 
_refine_ls_shell.number_reflns_all                ? 
_refine_ls_shell.R_factor_all                     ? 
_refine_ls_shell.number_reflns_obs                ? 
_refine_ls_shell.redundancy_reflns_obs            ? 
_refine_ls_shell.pdbx_refine_id                   'X-RAY DIFFRACTION' 
# 
_struct.entry_id                  2QFF 
_struct.title                     'Crystal structure of Staphylococcal Complement Inhibitor' 
_struct.pdbx_model_details        ? 
_struct.pdbx_CASP_flag            ? 
_struct.pdbx_model_type_details   ? 
# 
_struct_keywords.entry_id        2QFF 
_struct_keywords.pdbx_keywords   'Hydrolase Inhibitor' 
_struct_keywords.text            'Complement, Inhibitor, Inflammation, Bacterial, Molecular Biology, Hydrolase Inhibitor' 
# 
loop_
_struct_asym.id 
_struct_asym.pdbx_blank_PDB_chainid_flag 
_struct_asym.pdbx_modified 
_struct_asym.entity_id 
_struct_asym.details 
A N N 1 ? 
B N N 2 ? 
# 
_struct_ref.id                         1 
_struct_ref.db_name                    UNP 
_struct_ref.db_code                    Q2FFF8_STAA3 
_struct_ref.pdbx_db_accession          Q2FFF8 
_struct_ref.entity_id                  1 
_struct_ref.pdbx_seq_one_letter_code   
;STSLPTSNEYQNEKLANELKSLLDELNVNELATGSLNTYYKRTIKISGQKAMYALKSKDFKKMSEAKYQLQKIYNEIDEA
LK
;
_struct_ref.pdbx_align_begin           32 
_struct_ref.pdbx_db_isoform            ? 
# 
_struct_ref_seq.align_id                      1 
_struct_ref_seq.ref_id                        1 
_struct_ref_seq.pdbx_PDB_id_code              2QFF 
_struct_ref_seq.pdbx_strand_id                A 
_struct_ref_seq.seq_align_beg                 1 
_struct_ref_seq.pdbx_seq_align_beg_ins_code   ? 
_struct_ref_seq.seq_align_end                 82 
_struct_ref_seq.pdbx_seq_align_end_ins_code   ? 
_struct_ref_seq.pdbx_db_accession             Q2FFF8 
_struct_ref_seq.db_align_beg                  32 
_struct_ref_seq.pdbx_db_align_beg_ins_code    ? 
_struct_ref_seq.db_align_end                  113 
_struct_ref_seq.pdbx_db_align_end_ins_code    ? 
_struct_ref_seq.pdbx_auth_seq_align_beg       1 
_struct_ref_seq.pdbx_auth_seq_align_end       82 
# 
_pdbx_struct_assembly.id                   1 
_pdbx_struct_assembly.details              author_defined_assembly 
_pdbx_struct_assembly.method_details       ? 
_pdbx_struct_assembly.oligomeric_details   monomeric 
_pdbx_struct_assembly.oligomeric_count     1 
# 
_pdbx_struct_assembly_gen.assembly_id       1 
_pdbx_struct_assembly_gen.oper_expression   1 
_pdbx_struct_assembly_gen.asym_id_list      A,B 
# 
_pdbx_struct_oper_list.id                   1 
_pdbx_struct_oper_list.type                 'identity operation' 
_pdbx_struct_oper_list.name                 1_555 
_pdbx_struct_oper_list.symmetry_operation   x,y,z 
_pdbx_struct_oper_list.matrix[1][1]         1.0000000000 
_pdbx_struct_oper_list.matrix[1][2]         0.0000000000 
_pdbx_struct_oper_list.matrix[1][3]         0.0000000000 
_pdbx_struct_oper_list.vector[1]            0.0000000000 
_pdbx_struct_oper_list.matrix[2][1]         0.0000000000 
_pdbx_struct_oper_list.matrix[2][2]         1.0000000000 
_pdbx_struct_oper_list.matrix[2][3]         0.0000000000 
_pdbx_struct_oper_list.vector[2]            0.0000000000 
_pdbx_struct_oper_list.matrix[3][1]         0.0000000000 
_pdbx_struct_oper_list.matrix[3][2]         0.0000000000 
_pdbx_struct_oper_list.matrix[3][3]         1.0000000000 
_pdbx_struct_oper_list.vector[3]            0.0000000000 
# 
_struct_biol.id   1 
# 
loop_
_struct_conf.conf_type_id 
_struct_conf.id 
_struct_conf.pdbx_PDB_helix_id 
_struct_conf.beg_label_comp_id 
_struct_conf.beg_label_asym_id 
_struct_conf.beg_label_seq_id 
_struct_conf.pdbx_beg_PDB_ins_code 
_struct_conf.end_label_comp_id 
_struct_conf.end_label_asym_id 
_struct_conf.end_label_seq_id 
_struct_conf.pdbx_end_PDB_ins_code 
_struct_conf.beg_auth_comp_id 
_struct_conf.beg_auth_asym_id 
_struct_conf.beg_auth_seq_id 
_struct_conf.end_auth_comp_id 
_struct_conf.end_auth_asym_id 
_struct_conf.end_auth_seq_id 
_struct_conf.pdbx_PDB_helix_class 
_struct_conf.details 
_struct_conf.pdbx_PDB_helix_length 
HELX_P HELX_P1 1 GLU A 9  ? ASP A 24 ? GLU A 9  ASP A 24 1 ? 16 
HELX_P HELX_P2 2 GLU A 25 ? THR A 33 ? GLU A 25 THR A 33 1 ? 9  
HELX_P HELX_P3 3 GLY A 34 ? LEU A 36 ? GLY A 34 LEU A 36 5 ? 3  
HELX_P HELX_P4 4 ASN A 37 ? LYS A 58 ? ASN A 37 LYS A 58 1 ? 22 
HELX_P HELX_P5 5 ASP A 59 ? LYS A 82 ? ASP A 59 LYS A 82 1 ? 24 
# 
_struct_conf_type.id          HELX_P 
_struct_conf_type.criteria    ? 
_struct_conf_type.reference   ? 
# 
loop_
_struct_conn.id 
_struct_conn.conn_type_id 
_struct_conn.pdbx_leaving_atom_flag 
_struct_conn.pdbx_PDB_id 
_struct_conn.ptnr1_label_asym_id 
_struct_conn.ptnr1_label_comp_id 
_struct_conn.ptnr1_label_seq_id 
_struct_conn.ptnr1_label_atom_id 
_struct_conn.pdbx_ptnr1_label_alt_id 
_struct_conn.pdbx_ptnr1_PDB_ins_code 
_struct_conn.pdbx_ptnr1_standard_comp_id 
_struct_conn.ptnr1_symmetry 
_struct_conn.ptnr2_label_asym_id 
_struct_conn.ptnr2_label_comp_id 
_struct_conn.ptnr2_label_seq_id 
_struct_conn.ptnr2_label_atom_id 
_struct_conn.pdbx_ptnr2_label_alt_id 
_struct_conn.pdbx_ptnr2_PDB_ins_code 
_struct_conn.ptnr1_auth_asym_id 
_struct_conn.ptnr1_auth_comp_id 
_struct_conn.ptnr1_auth_seq_id 
_struct_conn.ptnr2_auth_asym_id 
_struct_conn.ptnr2_auth_comp_id 
_struct_conn.ptnr2_auth_seq_id 
_struct_conn.ptnr2_symmetry 
_struct_conn.pdbx_ptnr3_label_atom_id 
_struct_conn.pdbx_ptnr3_label_seq_id 
_struct_conn.pdbx_ptnr3_label_comp_id 
_struct_conn.pdbx_ptnr3_label_asym_id 
_struct_conn.pdbx_ptnr3_label_alt_id 
_struct_conn.pdbx_ptnr3_PDB_ins_code 
_struct_conn.details 
_struct_conn.pdbx_dist_value 
_struct_conn.pdbx_value_order 
_struct_conn.pdbx_role 
covale1 covale both ? A ALA 51 C ? ? ? 1_555 A MSE 52 N A ? A ALA 51 A MSE 52 1_555 ? ? ? ? ? ? ? 1.330 ? ? 
covale2 covale both ? A ALA 51 C ? ? ? 1_555 A MSE 52 N B ? A ALA 51 A MSE 52 1_555 ? ? ? ? ? ? ? 1.331 ? ? 
covale3 covale both ? A MSE 52 C A ? ? 1_555 A TYR 53 N ? ? A MSE 52 A TYR 53 1_555 ? ? ? ? ? ? ? 1.332 ? ? 
covale4 covale both ? A MSE 52 C B ? ? 1_555 A TYR 53 N ? ? A MSE 52 A TYR 53 1_555 ? ? ? ? ? ? ? 1.333 ? ? 
covale5 covale both ? A LYS 62 C ? ? ? 1_555 A MSE 63 N ? ? A LYS 62 A MSE 63 1_555 ? ? ? ? ? ? ? 1.331 ? ? 
covale6 covale both ? A MSE 63 C ? ? ? 1_555 A SER 64 N ? ? A MSE 63 A SER 64 1_555 ? ? ? ? ? ? ? 1.332 ? ? 
# 
_struct_conn_type.id          covale 
_struct_conn_type.criteria    ? 
_struct_conn_type.reference   ? 
# 
loop_
_pdbx_modification_feature.ordinal 
_pdbx_modification_feature.label_comp_id 
_pdbx_modification_feature.label_asym_id 
_pdbx_modification_feature.label_seq_id 
_pdbx_modification_feature.label_alt_id 
_pdbx_modification_feature.modified_residue_label_comp_id 
_pdbx_modification_feature.modified_residue_label_asym_id 
_pdbx_modification_feature.modified_residue_label_seq_id 
_pdbx_modification_feature.modified_residue_label_alt_id 
_pdbx_modification_feature.auth_comp_id 
_pdbx_modification_feature.auth_asym_id 
_pdbx_modification_feature.auth_seq_id 
_pdbx_modification_feature.PDB_ins_code 
_pdbx_modification_feature.symmetry 
_pdbx_modification_feature.modified_residue_auth_comp_id 
_pdbx_modification_feature.modified_residue_auth_asym_id 
_pdbx_modification_feature.modified_residue_auth_seq_id 
_pdbx_modification_feature.modified_residue_PDB_ins_code 
_pdbx_modification_feature.modified_residue_symmetry 
_pdbx_modification_feature.comp_id_linking_atom 
_pdbx_modification_feature.modified_residue_id_linking_atom 
_pdbx_modification_feature.modified_residue_id 
_pdbx_modification_feature.ref_pcm_id 
_pdbx_modification_feature.ref_comp_id 
_pdbx_modification_feature.type 
_pdbx_modification_feature.category 
1 MSE A 52 A . . . . MSE A 52 ? 1_555 . . . . . . . MET 1 MSE Selenomethionine 'Named protein modification' 
2 MSE A 52 B . . . . MSE A 52 ? 1_555 . . . . . . . MET 1 MSE Selenomethionine 'Named protein modification' 
3 MSE A 63 ? . . . . MSE A 63 ? 1_555 . . . . . . . MET 1 MSE Selenomethionine 'Named protein modification' 
# 
_pdbx_entry_details.entry_id                   2QFF 
_pdbx_entry_details.compound_details           ? 
_pdbx_entry_details.source_details             ? 
_pdbx_entry_details.nonpolymer_details         ? 
_pdbx_entry_details.sequence_details           ? 
_pdbx_entry_details.has_ligand_of_interest     ? 
_pdbx_entry_details.has_protein_modification   Y 
# 
loop_
_pdbx_struct_mod_residue.id 
_pdbx_struct_mod_residue.label_asym_id 
_pdbx_struct_mod_residue.label_comp_id 
_pdbx_struct_mod_residue.label_seq_id 
_pdbx_struct_mod_residue.auth_asym_id 
_pdbx_struct_mod_residue.auth_comp_id 
_pdbx_struct_mod_residue.auth_seq_id 
_pdbx_struct_mod_residue.PDB_ins_code 
_pdbx_struct_mod_residue.parent_comp_id 
_pdbx_struct_mod_residue.details 
1 A MSE 52 A MSE 52 ? MET SELENOMETHIONINE 
2 A MSE 63 A MSE 63 ? MET SELENOMETHIONINE 
# 
loop_
_pdbx_refine_tls.pdbx_refine_id 
_pdbx_refine_tls.id 
_pdbx_refine_tls.details 
_pdbx_refine_tls.method 
_pdbx_refine_tls.origin_x 
_pdbx_refine_tls.origin_y 
_pdbx_refine_tls.origin_z 
_pdbx_refine_tls.T[1][1] 
_pdbx_refine_tls.T[2][2] 
_pdbx_refine_tls.T[3][3] 
_pdbx_refine_tls.T[1][2] 
_pdbx_refine_tls.T[1][3] 
_pdbx_refine_tls.T[2][3] 
_pdbx_refine_tls.L[1][1] 
_pdbx_refine_tls.L[2][2] 
_pdbx_refine_tls.L[3][3] 
_pdbx_refine_tls.L[1][2] 
_pdbx_refine_tls.L[1][3] 
_pdbx_refine_tls.L[2][3] 
_pdbx_refine_tls.S[1][1] 
_pdbx_refine_tls.S[2][2] 
_pdbx_refine_tls.S[3][3] 
_pdbx_refine_tls.S[1][2] 
_pdbx_refine_tls.S[1][3] 
_pdbx_refine_tls.S[2][3] 
_pdbx_refine_tls.S[2][1] 
_pdbx_refine_tls.S[3][1] 
_pdbx_refine_tls.S[3][2] 
'X-RAY DIFFRACTION' 1 ? refined 10.9105 4.0072  -3.8162 -0.0746 0.0287  0.2081  -0.0684 -0.1459 0.0785  15.7218 5.2370  30.2436 4.3186  -12.4472 -4.8039 -0.0313 -0.2518 0.2832  -0.3252 0.1917  -0.7995 0.1710  -0.7689 1.9417  
'X-RAY DIFFRACTION' 2 ? refined -4.6961 -0.7684 9.7600  0.1000  -0.1048 -0.1270 0.0043  -0.0396 0.0096  37.7484 1.7439  6.2658  -1.8221 -5.8703  2.3341  0.1341  -0.0626 -0.0715 -0.5638 0.1026  0.0395  0.7113  0.1228  0.2697  
'X-RAY DIFFRACTION' 3 ? refined -9.8282 -4.2751 2.8566  0.0126  -0.0787 -0.0865 -0.0218 -0.0082 -0.0242 18.7864 5.8654  5.0943  -2.4359 -6.4508  0.7705  0.0714  -0.1005 0.0292  -0.1932 -0.2557 0.0260  0.1862  0.1572  -0.1685 
'X-RAY DIFFRACTION' 4 ? refined 5.6348  -6.9214 -4.4063 0.0349  -0.0747 0.2413  0.0876  0.0111  0.0810  25.3468 14.1945 15.2141 1.7598  -12.1328 2.9127  -0.3104 -0.1771 0.4875  -0.5854 -1.6838 -1.0655 0.4621  0.8448  0.4453  
'X-RAY DIFFRACTION' 5 ? refined 2.5565  0.7084  -8.9694 -0.0404 -0.0943 0.0289  0.0032  0.0231  -0.0069 13.7834 7.6736  12.7586 -1.6308 -7.2089  2.0772  -0.0410 -0.2899 0.3310  0.5556  -0.6174 -0.5042 -0.1995 -0.0651 0.0034  
'X-RAY DIFFRACTION' 6 ? refined -7.8483 6.4758  3.7155  -0.0224 -0.0762 -0.0445 -0.0181 -0.0125 -0.0070 13.2705 6.1842  12.0226 -3.5776 -11.7364 2.3591  0.2848  -0.0761 -0.2088 0.1859  0.2988  0.0329  0.0030  -0.3090 -0.2138 
# 
loop_
_pdbx_refine_tls_group.pdbx_refine_id 
_pdbx_refine_tls_group.id 
_pdbx_refine_tls_group.refine_tls_id 
_pdbx_refine_tls_group.beg_auth_asym_id 
_pdbx_refine_tls_group.beg_auth_seq_id 
_pdbx_refine_tls_group.end_auth_asym_id 
_pdbx_refine_tls_group.end_auth_seq_id 
_pdbx_refine_tls_group.selection_details 
_pdbx_refine_tls_group.beg_label_asym_id 
_pdbx_refine_tls_group.beg_label_seq_id 
_pdbx_refine_tls_group.end_label_asym_id 
_pdbx_refine_tls_group.end_label_seq_id 
_pdbx_refine_tls_group.selection 
'X-RAY DIFFRACTION' 1 1 A 9  A 24 ? . . . . ? 
'X-RAY DIFFRACTION' 2 2 A 25 A 36 ? . . . . ? 
'X-RAY DIFFRACTION' 3 3 A 37 A 48 ? . . . . ? 
'X-RAY DIFFRACTION' 4 4 A 49 A 58 ? . . . . ? 
'X-RAY DIFFRACTION' 5 5 A 59 A 70 ? . . . . ? 
'X-RAY DIFFRACTION' 6 6 A 71 A 82 ? . . . . ? 
# 
loop_
_pdbx_unobs_or_zero_occ_residues.id 
_pdbx_unobs_or_zero_occ_residues.PDB_model_num 
_pdbx_unobs_or_zero_occ_residues.polymer_flag 
_pdbx_unobs_or_zero_occ_residues.occupancy_flag 
_pdbx_unobs_or_zero_occ_residues.auth_asym_id 
_pdbx_unobs_or_zero_occ_residues.auth_comp_id 
_pdbx_unobs_or_zero_occ_residues.auth_seq_id 
_pdbx_unobs_or_zero_occ_residues.PDB_ins_code 
_pdbx_unobs_or_zero_occ_residues.label_asym_id 
_pdbx_unobs_or_zero_occ_residues.label_comp_id 
_pdbx_unobs_or_zero_occ_residues.label_seq_id 
1 1 Y 1 A SER 1 ? A SER 1 
2 1 Y 1 A THR 2 ? A THR 2 
3 1 Y 1 A SER 3 ? A SER 3 
4 1 Y 1 A LEU 4 ? A LEU 4 
5 1 Y 1 A PRO 5 ? A PRO 5 
6 1 Y 1 A THR 6 ? A THR 6 
7 1 Y 1 A SER 7 ? A SER 7 
8 1 Y 1 A ASN 8 ? A ASN 8 
# 
loop_
_chem_comp_atom.comp_id 
_chem_comp_atom.atom_id 
_chem_comp_atom.type_symbol 
_chem_comp_atom.pdbx_aromatic_flag 
_chem_comp_atom.pdbx_stereo_config 
_chem_comp_atom.pdbx_ordinal 
ALA N    N  N N 1   
ALA CA   C  N S 2   
ALA C    C  N N 3   
ALA O    O  N N 4   
ALA CB   C  N N 5   
ALA OXT  O  N N 6   
ALA H    H  N N 7   
ALA H2   H  N N 8   
ALA HA   H  N N 9   
ALA HB1  H  N N 10  
ALA HB2  H  N N 11  
ALA HB3  H  N N 12  
ALA HXT  H  N N 13  
ARG N    N  N N 14  
ARG CA   C  N S 15  
ARG C    C  N N 16  
ARG O    O  N N 17  
ARG CB   C  N N 18  
ARG CG   C  N N 19  
ARG CD   C  N N 20  
ARG NE   N  N N 21  
ARG CZ   C  N N 22  
ARG NH1  N  N N 23  
ARG NH2  N  N N 24  
ARG OXT  O  N N 25  
ARG H    H  N N 26  
ARG H2   H  N N 27  
ARG HA   H  N N 28  
ARG HB2  H  N N 29  
ARG HB3  H  N N 30  
ARG HG2  H  N N 31  
ARG HG3  H  N N 32  
ARG HD2  H  N N 33  
ARG HD3  H  N N 34  
ARG HE   H  N N 35  
ARG HH11 H  N N 36  
ARG HH12 H  N N 37  
ARG HH21 H  N N 38  
ARG HH22 H  N N 39  
ARG HXT  H  N N 40  
ASN N    N  N N 41  
ASN CA   C  N S 42  
ASN C    C  N N 43  
ASN O    O  N N 44  
ASN CB   C  N N 45  
ASN CG   C  N N 46  
ASN OD1  O  N N 47  
ASN ND2  N  N N 48  
ASN OXT  O  N N 49  
ASN H    H  N N 50  
ASN H2   H  N N 51  
ASN HA   H  N N 52  
ASN HB2  H  N N 53  
ASN HB3  H  N N 54  
ASN HD21 H  N N 55  
ASN HD22 H  N N 56  
ASN HXT  H  N N 57  
ASP N    N  N N 58  
ASP CA   C  N S 59  
ASP C    C  N N 60  
ASP O    O  N N 61  
ASP CB   C  N N 62  
ASP CG   C  N N 63  
ASP OD1  O  N N 64  
ASP OD2  O  N N 65  
ASP OXT  O  N N 66  
ASP H    H  N N 67  
ASP H2   H  N N 68  
ASP HA   H  N N 69  
ASP HB2  H  N N 70  
ASP HB3  H  N N 71  
ASP HD2  H  N N 72  
ASP HXT  H  N N 73  
GLN N    N  N N 74  
GLN CA   C  N S 75  
GLN C    C  N N 76  
GLN O    O  N N 77  
GLN CB   C  N N 78  
GLN CG   C  N N 79  
GLN CD   C  N N 80  
GLN OE1  O  N N 81  
GLN NE2  N  N N 82  
GLN OXT  O  N N 83  
GLN H    H  N N 84  
GLN H2   H  N N 85  
GLN HA   H  N N 86  
GLN HB2  H  N N 87  
GLN HB3  H  N N 88  
GLN HG2  H  N N 89  
GLN HG3  H  N N 90  
GLN HE21 H  N N 91  
GLN HE22 H  N N 92  
GLN HXT  H  N N 93  
GLU N    N  N N 94  
GLU CA   C  N S 95  
GLU C    C  N N 96  
GLU O    O  N N 97  
GLU CB   C  N N 98  
GLU CG   C  N N 99  
GLU CD   C  N N 100 
GLU OE1  O  N N 101 
GLU OE2  O  N N 102 
GLU OXT  O  N N 103 
GLU H    H  N N 104 
GLU H2   H  N N 105 
GLU HA   H  N N 106 
GLU HB2  H  N N 107 
GLU HB3  H  N N 108 
GLU HG2  H  N N 109 
GLU HG3  H  N N 110 
GLU HE2  H  N N 111 
GLU HXT  H  N N 112 
GLY N    N  N N 113 
GLY CA   C  N N 114 
GLY C    C  N N 115 
GLY O    O  N N 116 
GLY OXT  O  N N 117 
GLY H    H  N N 118 
GLY H2   H  N N 119 
GLY HA2  H  N N 120 
GLY HA3  H  N N 121 
GLY HXT  H  N N 122 
HOH O    O  N N 123 
HOH H1   H  N N 124 
HOH H2   H  N N 125 
ILE N    N  N N 126 
ILE CA   C  N S 127 
ILE C    C  N N 128 
ILE O    O  N N 129 
ILE CB   C  N S 130 
ILE CG1  C  N N 131 
ILE CG2  C  N N 132 
ILE CD1  C  N N 133 
ILE OXT  O  N N 134 
ILE H    H  N N 135 
ILE H2   H  N N 136 
ILE HA   H  N N 137 
ILE HB   H  N N 138 
ILE HG12 H  N N 139 
ILE HG13 H  N N 140 
ILE HG21 H  N N 141 
ILE HG22 H  N N 142 
ILE HG23 H  N N 143 
ILE HD11 H  N N 144 
ILE HD12 H  N N 145 
ILE HD13 H  N N 146 
ILE HXT  H  N N 147 
LEU N    N  N N 148 
LEU CA   C  N S 149 
LEU C    C  N N 150 
LEU O    O  N N 151 
LEU CB   C  N N 152 
LEU CG   C  N N 153 
LEU CD1  C  N N 154 
LEU CD2  C  N N 155 
LEU OXT  O  N N 156 
LEU H    H  N N 157 
LEU H2   H  N N 158 
LEU HA   H  N N 159 
LEU HB2  H  N N 160 
LEU HB3  H  N N 161 
LEU HG   H  N N 162 
LEU HD11 H  N N 163 
LEU HD12 H  N N 164 
LEU HD13 H  N N 165 
LEU HD21 H  N N 166 
LEU HD22 H  N N 167 
LEU HD23 H  N N 168 
LEU HXT  H  N N 169 
LYS N    N  N N 170 
LYS CA   C  N S 171 
LYS C    C  N N 172 
LYS O    O  N N 173 
LYS CB   C  N N 174 
LYS CG   C  N N 175 
LYS CD   C  N N 176 
LYS CE   C  N N 177 
LYS NZ   N  N N 178 
LYS OXT  O  N N 179 
LYS H    H  N N 180 
LYS H2   H  N N 181 
LYS HA   H  N N 182 
LYS HB2  H  N N 183 
LYS HB3  H  N N 184 
LYS HG2  H  N N 185 
LYS HG3  H  N N 186 
LYS HD2  H  N N 187 
LYS HD3  H  N N 188 
LYS HE2  H  N N 189 
LYS HE3  H  N N 190 
LYS HZ1  H  N N 191 
LYS HZ2  H  N N 192 
LYS HZ3  H  N N 193 
LYS HXT  H  N N 194 
MSE N    N  N N 195 
MSE CA   C  N S 196 
MSE C    C  N N 197 
MSE O    O  N N 198 
MSE OXT  O  N N 199 
MSE CB   C  N N 200 
MSE CG   C  N N 201 
MSE SE   SE N N 202 
MSE CE   C  N N 203 
MSE H    H  N N 204 
MSE H2   H  N N 205 
MSE HA   H  N N 206 
MSE HXT  H  N N 207 
MSE HB2  H  N N 208 
MSE HB3  H  N N 209 
MSE HG2  H  N N 210 
MSE HG3  H  N N 211 
MSE HE1  H  N N 212 
MSE HE2  H  N N 213 
MSE HE3  H  N N 214 
PHE N    N  N N 215 
PHE CA   C  N S 216 
PHE C    C  N N 217 
PHE O    O  N N 218 
PHE CB   C  N N 219 
PHE CG   C  Y N 220 
PHE CD1  C  Y N 221 
PHE CD2  C  Y N 222 
PHE CE1  C  Y N 223 
PHE CE2  C  Y N 224 
PHE CZ   C  Y N 225 
PHE OXT  O  N N 226 
PHE H    H  N N 227 
PHE H2   H  N N 228 
PHE HA   H  N N 229 
PHE HB2  H  N N 230 
PHE HB3  H  N N 231 
PHE HD1  H  N N 232 
PHE HD2  H  N N 233 
PHE HE1  H  N N 234 
PHE HE2  H  N N 235 
PHE HZ   H  N N 236 
PHE HXT  H  N N 237 
PRO N    N  N N 238 
PRO CA   C  N S 239 
PRO C    C  N N 240 
PRO O    O  N N 241 
PRO CB   C  N N 242 
PRO CG   C  N N 243 
PRO CD   C  N N 244 
PRO OXT  O  N N 245 
PRO H    H  N N 246 
PRO HA   H  N N 247 
PRO HB2  H  N N 248 
PRO HB3  H  N N 249 
PRO HG2  H  N N 250 
PRO HG3  H  N N 251 
PRO HD2  H  N N 252 
PRO HD3  H  N N 253 
PRO HXT  H  N N 254 
SER N    N  N N 255 
SER CA   C  N S 256 
SER C    C  N N 257 
SER O    O  N N 258 
SER CB   C  N N 259 
SER OG   O  N N 260 
SER OXT  O  N N 261 
SER H    H  N N 262 
SER H2   H  N N 263 
SER HA   H  N N 264 
SER HB2  H  N N 265 
SER HB3  H  N N 266 
SER HG   H  N N 267 
SER HXT  H  N N 268 
THR N    N  N N 269 
THR CA   C  N S 270 
THR C    C  N N 271 
THR O    O  N N 272 
THR CB   C  N R 273 
THR OG1  O  N N 274 
THR CG2  C  N N 275 
THR OXT  O  N N 276 
THR H    H  N N 277 
THR H2   H  N N 278 
THR HA   H  N N 279 
THR HB   H  N N 280 
THR HG1  H  N N 281 
THR HG21 H  N N 282 
THR HG22 H  N N 283 
THR HG23 H  N N 284 
THR HXT  H  N N 285 
TYR N    N  N N 286 
TYR CA   C  N S 287 
TYR C    C  N N 288 
TYR O    O  N N 289 
TYR CB   C  N N 290 
TYR CG   C  Y N 291 
TYR CD1  C  Y N 292 
TYR CD2  C  Y N 293 
TYR CE1  C  Y N 294 
TYR CE2  C  Y N 295 
TYR CZ   C  Y N 296 
TYR OH   O  N N 297 
TYR OXT  O  N N 298 
TYR H    H  N N 299 
TYR H2   H  N N 300 
TYR HA   H  N N 301 
TYR HB2  H  N N 302 
TYR HB3  H  N N 303 
TYR HD1  H  N N 304 
TYR HD2  H  N N 305 
TYR HE1  H  N N 306 
TYR HE2  H  N N 307 
TYR HH   H  N N 308 
TYR HXT  H  N N 309 
VAL N    N  N N 310 
VAL CA   C  N S 311 
VAL C    C  N N 312 
VAL O    O  N N 313 
VAL CB   C  N N 314 
VAL CG1  C  N N 315 
VAL CG2  C  N N 316 
VAL OXT  O  N N 317 
VAL H    H  N N 318 
VAL H2   H  N N 319 
VAL HA   H  N N 320 
VAL HB   H  N N 321 
VAL HG11 H  N N 322 
VAL HG12 H  N N 323 
VAL HG13 H  N N 324 
VAL HG21 H  N N 325 
VAL HG22 H  N N 326 
VAL HG23 H  N N 327 
VAL HXT  H  N N 328 
# 
loop_
_chem_comp_bond.comp_id 
_chem_comp_bond.atom_id_1 
_chem_comp_bond.atom_id_2 
_chem_comp_bond.value_order 
_chem_comp_bond.pdbx_aromatic_flag 
_chem_comp_bond.pdbx_stereo_config 
_chem_comp_bond.pdbx_ordinal 
ALA N   CA   sing N N 1   
ALA N   H    sing N N 2   
ALA N   H2   sing N N 3   
ALA CA  C    sing N N 4   
ALA CA  CB   sing N N 5   
ALA CA  HA   sing N N 6   
ALA C   O    doub N N 7   
ALA C   OXT  sing N N 8   
ALA CB  HB1  sing N N 9   
ALA CB  HB2  sing N N 10  
ALA CB  HB3  sing N N 11  
ALA OXT HXT  sing N N 12  
ARG N   CA   sing N N 13  
ARG N   H    sing N N 14  
ARG N   H2   sing N N 15  
ARG CA  C    sing N N 16  
ARG CA  CB   sing N N 17  
ARG CA  HA   sing N N 18  
ARG C   O    doub N N 19  
ARG C   OXT  sing N N 20  
ARG CB  CG   sing N N 21  
ARG CB  HB2  sing N N 22  
ARG CB  HB3  sing N N 23  
ARG CG  CD   sing N N 24  
ARG CG  HG2  sing N N 25  
ARG CG  HG3  sing N N 26  
ARG CD  NE   sing N N 27  
ARG CD  HD2  sing N N 28  
ARG CD  HD3  sing N N 29  
ARG NE  CZ   sing N N 30  
ARG NE  HE   sing N N 31  
ARG CZ  NH1  sing N N 32  
ARG CZ  NH2  doub N N 33  
ARG NH1 HH11 sing N N 34  
ARG NH1 HH12 sing N N 35  
ARG NH2 HH21 sing N N 36  
ARG NH2 HH22 sing N N 37  
ARG OXT HXT  sing N N 38  
ASN N   CA   sing N N 39  
ASN N   H    sing N N 40  
ASN N   H2   sing N N 41  
ASN CA  C    sing N N 42  
ASN CA  CB   sing N N 43  
ASN CA  HA   sing N N 44  
ASN C   O    doub N N 45  
ASN C   OXT  sing N N 46  
ASN CB  CG   sing N N 47  
ASN CB  HB2  sing N N 48  
ASN CB  HB3  sing N N 49  
ASN CG  OD1  doub N N 50  
ASN CG  ND2  sing N N 51  
ASN ND2 HD21 sing N N 52  
ASN ND2 HD22 sing N N 53  
ASN OXT HXT  sing N N 54  
ASP N   CA   sing N N 55  
ASP N   H    sing N N 56  
ASP N   H2   sing N N 57  
ASP CA  C    sing N N 58  
ASP CA  CB   sing N N 59  
ASP CA  HA   sing N N 60  
ASP C   O    doub N N 61  
ASP C   OXT  sing N N 62  
ASP CB  CG   sing N N 63  
ASP CB  HB2  sing N N 64  
ASP CB  HB3  sing N N 65  
ASP CG  OD1  doub N N 66  
ASP CG  OD2  sing N N 67  
ASP OD2 HD2  sing N N 68  
ASP OXT HXT  sing N N 69  
GLN N   CA   sing N N 70  
GLN N   H    sing N N 71  
GLN N   H2   sing N N 72  
GLN CA  C    sing N N 73  
GLN CA  CB   sing N N 74  
GLN CA  HA   sing N N 75  
GLN C   O    doub N N 76  
GLN C   OXT  sing N N 77  
GLN CB  CG   sing N N 78  
GLN CB  HB2  sing N N 79  
GLN CB  HB3  sing N N 80  
GLN CG  CD   sing N N 81  
GLN CG  HG2  sing N N 82  
GLN CG  HG3  sing N N 83  
GLN CD  OE1  doub N N 84  
GLN CD  NE2  sing N N 85  
GLN NE2 HE21 sing N N 86  
GLN NE2 HE22 sing N N 87  
GLN OXT HXT  sing N N 88  
GLU N   CA   sing N N 89  
GLU N   H    sing N N 90  
GLU N   H2   sing N N 91  
GLU CA  C    sing N N 92  
GLU CA  CB   sing N N 93  
GLU CA  HA   sing N N 94  
GLU C   O    doub N N 95  
GLU C   OXT  sing N N 96  
GLU CB  CG   sing N N 97  
GLU CB  HB2  sing N N 98  
GLU CB  HB3  sing N N 99  
GLU CG  CD   sing N N 100 
GLU CG  HG2  sing N N 101 
GLU CG  HG3  sing N N 102 
GLU CD  OE1  doub N N 103 
GLU CD  OE2  sing N N 104 
GLU OE2 HE2  sing N N 105 
GLU OXT HXT  sing N N 106 
GLY N   CA   sing N N 107 
GLY N   H    sing N N 108 
GLY N   H2   sing N N 109 
GLY CA  C    sing N N 110 
GLY CA  HA2  sing N N 111 
GLY CA  HA3  sing N N 112 
GLY C   O    doub N N 113 
GLY C   OXT  sing N N 114 
GLY OXT HXT  sing N N 115 
HOH O   H1   sing N N 116 
HOH O   H2   sing N N 117 
ILE N   CA   sing N N 118 
ILE N   H    sing N N 119 
ILE N   H2   sing N N 120 
ILE CA  C    sing N N 121 
ILE CA  CB   sing N N 122 
ILE CA  HA   sing N N 123 
ILE C   O    doub N N 124 
ILE C   OXT  sing N N 125 
ILE CB  CG1  sing N N 126 
ILE CB  CG2  sing N N 127 
ILE CB  HB   sing N N 128 
ILE CG1 CD1  sing N N 129 
ILE CG1 HG12 sing N N 130 
ILE CG1 HG13 sing N N 131 
ILE CG2 HG21 sing N N 132 
ILE CG2 HG22 sing N N 133 
ILE CG2 HG23 sing N N 134 
ILE CD1 HD11 sing N N 135 
ILE CD1 HD12 sing N N 136 
ILE CD1 HD13 sing N N 137 
ILE OXT HXT  sing N N 138 
LEU N   CA   sing N N 139 
LEU N   H    sing N N 140 
LEU N   H2   sing N N 141 
LEU CA  C    sing N N 142 
LEU CA  CB   sing N N 143 
LEU CA  HA   sing N N 144 
LEU C   O    doub N N 145 
LEU C   OXT  sing N N 146 
LEU CB  CG   sing N N 147 
LEU CB  HB2  sing N N 148 
LEU CB  HB3  sing N N 149 
LEU CG  CD1  sing N N 150 
LEU CG  CD2  sing N N 151 
LEU CG  HG   sing N N 152 
LEU CD1 HD11 sing N N 153 
LEU CD1 HD12 sing N N 154 
LEU CD1 HD13 sing N N 155 
LEU CD2 HD21 sing N N 156 
LEU CD2 HD22 sing N N 157 
LEU CD2 HD23 sing N N 158 
LEU OXT HXT  sing N N 159 
LYS N   CA   sing N N 160 
LYS N   H    sing N N 161 
LYS N   H2   sing N N 162 
LYS CA  C    sing N N 163 
LYS CA  CB   sing N N 164 
LYS CA  HA   sing N N 165 
LYS C   O    doub N N 166 
LYS C   OXT  sing N N 167 
LYS CB  CG   sing N N 168 
LYS CB  HB2  sing N N 169 
LYS CB  HB3  sing N N 170 
LYS CG  CD   sing N N 171 
LYS CG  HG2  sing N N 172 
LYS CG  HG3  sing N N 173 
LYS CD  CE   sing N N 174 
LYS CD  HD2  sing N N 175 
LYS CD  HD3  sing N N 176 
LYS CE  NZ   sing N N 177 
LYS CE  HE2  sing N N 178 
LYS CE  HE3  sing N N 179 
LYS NZ  HZ1  sing N N 180 
LYS NZ  HZ2  sing N N 181 
LYS NZ  HZ3  sing N N 182 
LYS OXT HXT  sing N N 183 
MSE N   CA   sing N N 184 
MSE N   H    sing N N 185 
MSE N   H2   sing N N 186 
MSE CA  C    sing N N 187 
MSE CA  CB   sing N N 188 
MSE CA  HA   sing N N 189 
MSE C   O    doub N N 190 
MSE C   OXT  sing N N 191 
MSE OXT HXT  sing N N 192 
MSE CB  CG   sing N N 193 
MSE CB  HB2  sing N N 194 
MSE CB  HB3  sing N N 195 
MSE CG  SE   sing N N 196 
MSE CG  HG2  sing N N 197 
MSE CG  HG3  sing N N 198 
MSE SE  CE   sing N N 199 
MSE CE  HE1  sing N N 200 
MSE CE  HE2  sing N N 201 
MSE CE  HE3  sing N N 202 
PHE N   CA   sing N N 203 
PHE N   H    sing N N 204 
PHE N   H2   sing N N 205 
PHE CA  C    sing N N 206 
PHE CA  CB   sing N N 207 
PHE CA  HA   sing N N 208 
PHE C   O    doub N N 209 
PHE C   OXT  sing N N 210 
PHE CB  CG   sing N N 211 
PHE CB  HB2  sing N N 212 
PHE CB  HB3  sing N N 213 
PHE CG  CD1  doub Y N 214 
PHE CG  CD2  sing Y N 215 
PHE CD1 CE1  sing Y N 216 
PHE CD1 HD1  sing N N 217 
PHE CD2 CE2  doub Y N 218 
PHE CD2 HD2  sing N N 219 
PHE CE1 CZ   doub Y N 220 
PHE CE1 HE1  sing N N 221 
PHE CE2 CZ   sing Y N 222 
PHE CE2 HE2  sing N N 223 
PHE CZ  HZ   sing N N 224 
PHE OXT HXT  sing N N 225 
PRO N   CA   sing N N 226 
PRO N   CD   sing N N 227 
PRO N   H    sing N N 228 
PRO CA  C    sing N N 229 
PRO CA  CB   sing N N 230 
PRO CA  HA   sing N N 231 
PRO C   O    doub N N 232 
PRO C   OXT  sing N N 233 
PRO CB  CG   sing N N 234 
PRO CB  HB2  sing N N 235 
PRO CB  HB3  sing N N 236 
PRO CG  CD   sing N N 237 
PRO CG  HG2  sing N N 238 
PRO CG  HG3  sing N N 239 
PRO CD  HD2  sing N N 240 
PRO CD  HD3  sing N N 241 
PRO OXT HXT  sing N N 242 
SER N   CA   sing N N 243 
SER N   H    sing N N 244 
SER N   H2   sing N N 245 
SER CA  C    sing N N 246 
SER CA  CB   sing N N 247 
SER CA  HA   sing N N 248 
SER C   O    doub N N 249 
SER C   OXT  sing N N 250 
SER CB  OG   sing N N 251 
SER CB  HB2  sing N N 252 
SER CB  HB3  sing N N 253 
SER OG  HG   sing N N 254 
SER OXT HXT  sing N N 255 
THR N   CA   sing N N 256 
THR N   H    sing N N 257 
THR N   H2   sing N N 258 
THR CA  C    sing N N 259 
THR CA  CB   sing N N 260 
THR CA  HA   sing N N 261 
THR C   O    doub N N 262 
THR C   OXT  sing N N 263 
THR CB  OG1  sing N N 264 
THR CB  CG2  sing N N 265 
THR CB  HB   sing N N 266 
THR OG1 HG1  sing N N 267 
THR CG2 HG21 sing N N 268 
THR CG2 HG22 sing N N 269 
THR CG2 HG23 sing N N 270 
THR OXT HXT  sing N N 271 
TYR N   CA   sing N N 272 
TYR N   H    sing N N 273 
TYR N   H2   sing N N 274 
TYR CA  C    sing N N 275 
TYR CA  CB   sing N N 276 
TYR CA  HA   sing N N 277 
TYR C   O    doub N N 278 
TYR C   OXT  sing N N 279 
TYR CB  CG   sing N N 280 
TYR CB  HB2  sing N N 281 
TYR CB  HB3  sing N N 282 
TYR CG  CD1  doub Y N 283 
TYR CG  CD2  sing Y N 284 
TYR CD1 CE1  sing Y N 285 
TYR CD1 HD1  sing N N 286 
TYR CD2 CE2  doub Y N 287 
TYR CD2 HD2  sing N N 288 
TYR CE1 CZ   doub Y N 289 
TYR CE1 HE1  sing N N 290 
TYR CE2 CZ   sing Y N 291 
TYR CE2 HE2  sing N N 292 
TYR CZ  OH   sing N N 293 
TYR OH  HH   sing N N 294 
TYR OXT HXT  sing N N 295 
VAL N   CA   sing N N 296 
VAL N   H    sing N N 297 
VAL N   H2   sing N N 298 
VAL CA  C    sing N N 299 
VAL CA  CB   sing N N 300 
VAL CA  HA   sing N N 301 
VAL C   O    doub N N 302 
VAL C   OXT  sing N N 303 
VAL CB  CG1  sing N N 304 
VAL CB  CG2  sing N N 305 
VAL CB  HB   sing N N 306 
VAL CG1 HG11 sing N N 307 
VAL CG1 HG12 sing N N 308 
VAL CG1 HG13 sing N N 309 
VAL CG2 HG21 sing N N 310 
VAL CG2 HG22 sing N N 311 
VAL CG2 HG23 sing N N 312 
VAL OXT HXT  sing N N 313 
# 
_atom_sites.entry_id                    2QFF 
_atom_sites.fract_transf_matrix[1][1]   0.00063563 
_atom_sites.fract_transf_matrix[1][2]   0.03025508 
_atom_sites.fract_transf_matrix[1][3]   0.03117340 
_atom_sites.fract_transf_matrix[2][1]   0.01367119 
_atom_sites.fract_transf_matrix[2][2]   0.01346837 
_atom_sites.fract_transf_matrix[2][3]   -0.01335037 
_atom_sites.fract_transf_matrix[3][1]   -0.01269056 
_atom_sites.fract_transf_matrix[3][2]   0.00669618 
_atom_sites.fract_transf_matrix[3][3]   -0.00624016 
_atom_sites.fract_transf_vector[1]      0.731924 
_atom_sites.fract_transf_vector[2]      0.367721 
_atom_sites.fract_transf_vector[3]      0.128781 
# 
loop_
_atom_type.symbol 
C  
N  
O  
SE 
# 
loop_
_atom_site.group_PDB 
_atom_site.id 
_atom_site.type_symbol 
_atom_site.label_atom_id 
_atom_site.label_alt_id 
_atom_site.label_comp_id 
_atom_site.label_asym_id 
_atom_site.label_entity_id 
_atom_site.label_seq_id 
_atom_site.pdbx_PDB_ins_code 
_atom_site.Cartn_x 
_atom_site.Cartn_y 
_atom_site.Cartn_z 
_atom_site.occupancy 
_atom_site.B_iso_or_equiv 
_atom_site.pdbx_formal_charge 
_atom_site.auth_seq_id 
_atom_site.auth_comp_id 
_atom_site.auth_asym_id 
_atom_site.auth_atom_id 
_atom_site.pdbx_PDB_model_num 
ATOM   1   N  N   . GLU A 1 9  ? 17.854  5.282   -13.546 1.00 30.92 ? 9   GLU A N   1 
ATOM   2   C  CA  . GLU A 1 9  ? 17.871  4.391   -12.347 1.00 30.91 ? 9   GLU A CA  1 
ATOM   3   C  C   . GLU A 1 9  ? 17.368  5.108   -11.099 1.00 30.73 ? 9   GLU A C   1 
ATOM   4   O  O   . GLU A 1 9  ? 16.965  4.465   -10.129 1.00 30.82 ? 9   GLU A O   1 
ATOM   5   C  CB  . GLU A 1 9  ? 19.279  3.828   -12.104 1.00 30.89 ? 9   GLU A CB  1 
ATOM   6   C  CG  . GLU A 1 9  ? 20.324  4.852   -11.672 1.00 31.11 ? 9   GLU A CG  1 
ATOM   7   C  CD  . GLU A 1 9  ? 21.739  4.325   -11.794 1.00 31.13 ? 9   GLU A CD  1 
ATOM   8   O  OE1 . GLU A 1 9  ? 22.302  4.390   -12.907 1.00 31.61 ? 9   GLU A OE1 1 
ATOM   9   O  OE2 . GLU A 1 9  ? 22.292  3.859   -10.777 1.00 31.33 ? 9   GLU A OE2 1 
ATOM   10  N  N   . TYR A 1 10 ? 17.402  6.440   -11.133 1.00 30.55 ? 10  TYR A N   1 
ATOM   11  C  CA  . TYR A 1 10 ? 16.961  7.260   -10.009 1.00 30.32 ? 10  TYR A CA  1 
ATOM   12  C  C   . TYR A 1 10 ? 15.473  7.079   -9.722  1.00 30.00 ? 10  TYR A C   1 
ATOM   13  O  O   . TYR A 1 10 ? 15.083  6.907   -8.568  1.00 29.82 ? 10  TYR A O   1 
ATOM   14  C  CB  . TYR A 1 10 ? 17.286  8.740   -10.249 1.00 30.55 ? 10  TYR A CB  1 
ATOM   15  C  CG  . TYR A 1 10 ? 16.526  9.694   -9.350  1.00 30.84 ? 10  TYR A CG  1 
ATOM   16  C  CD1 . TYR A 1 10 ? 15.609  10.599  -9.883  1.00 30.99 ? 10  TYR A CD1 1 
ATOM   17  C  CD2 . TYR A 1 10 ? 16.713  9.681   -7.966  1.00 31.16 ? 10  TYR A CD2 1 
ATOM   18  C  CE1 . TYR A 1 10 ? 14.903  11.474  -9.062  1.00 31.26 ? 10  TYR A CE1 1 
ATOM   19  C  CE2 . TYR A 1 10 ? 16.012  10.550  -7.138  1.00 31.36 ? 10  TYR A CE2 1 
ATOM   20  C  CZ  . TYR A 1 10 ? 15.110  11.444  -7.691  1.00 31.28 ? 10  TYR A CZ  1 
ATOM   21  O  OH  . TYR A 1 10 ? 14.419  12.308  -6.871  1.00 31.28 ? 10  TYR A OH  1 
ATOM   22  N  N   . GLN A 1 11 ? 14.657  7.121   -10.775 1.00 29.75 ? 11  GLN A N   1 
ATOM   23  C  CA  . GLN A 1 11 ? 13.207  6.980   -10.644 1.00 29.50 ? 11  GLN A CA  1 
ATOM   24  C  C   . GLN A 1 11 ? 12.803  5.624   -10.074 1.00 29.28 ? 11  GLN A C   1 
ATOM   25  O  O   . GLN A 1 11 ? 11.902  5.541   -9.236  1.00 29.05 ? 11  GLN A O   1 
ATOM   26  C  CB  . GLN A 1 11 ? 12.511  7.211   -11.987 1.00 29.64 ? 11  GLN A CB  1 
ATOM   27  C  CG  . GLN A 1 11 ? 12.373  8.675   -12.374 1.00 30.12 ? 11  GLN A CG  1 
ATOM   28  C  CD  . GLN A 1 11 ? 11.333  8.899   -13.460 1.00 30.77 ? 11  GLN A CD  1 
ATOM   29  O  OE1 . GLN A 1 11 ? 10.227  8.354   -13.405 1.00 31.24 ? 11  GLN A OE1 1 
ATOM   30  N  NE2 . GLN A 1 11 ? 11.680  9.715   -14.447 1.00 31.08 ? 11  GLN A NE2 1 
ATOM   31  N  N   . ASN A 1 12 ? 13.473  4.571   -10.532 1.00 29.00 ? 12  ASN A N   1 
ATOM   32  C  CA  . ASN A 1 12 ? 13.209  3.220   -10.053 1.00 28.97 ? 12  ASN A CA  1 
ATOM   33  C  C   . ASN A 1 12 ? 13.561  3.066   -8.573  1.00 28.83 ? 12  ASN A C   1 
ATOM   34  O  O   . ASN A 1 12 ? 12.814  2.448   -7.811  1.00 28.87 ? 12  ASN A O   1 
ATOM   35  C  CB  . ASN A 1 12 ? 13.963  2.197   -10.905 1.00 29.01 ? 12  ASN A CB  1 
ATOM   36  C  CG  . ASN A 1 12 ? 13.451  0.781   -10.711 1.00 29.62 ? 12  ASN A CG  1 
ATOM   37  O  OD1 . ASN A 1 12 ? 13.592  0.195   -9.634  1.00 30.20 ? 12  ASN A OD1 1 
ATOM   38  N  ND2 . ASN A 1 12 ? 12.865  0.217   -11.761 1.00 29.82 ? 12  ASN A ND2 1 
ATOM   39  N  N   . GLU A 1 13 ? 14.691  3.647   -8.177  1.00 28.70 ? 13  GLU A N   1 
ATOM   40  C  CA  . GLU A 1 13 ? 15.146  3.631   -6.788  1.00 28.65 ? 13  GLU A CA  1 
ATOM   41  C  C   . GLU A 1 13 ? 14.272  4.521   -5.903  1.00 28.39 ? 13  GLU A C   1 
ATOM   42  O  O   . GLU A 1 13 ? 14.001  4.179   -4.752  1.00 28.46 ? 13  GLU A O   1 
ATOM   43  C  CB  . GLU A 1 13 ? 16.610  4.072   -6.712  1.00 28.65 ? 13  GLU A CB  1 
ATOM   44  C  CG  . GLU A 1 13 ? 17.307  3.799   -5.387  1.00 28.87 ? 13  GLU A CG  1 
ATOM   45  C  CD  . GLU A 1 13 ? 18.762  4.236   -5.398  1.00 29.13 ? 13  GLU A CD  1 
ATOM   46  O  OE1 . GLU A 1 13 ? 19.338  4.379   -6.501  1.00 30.08 ? 13  GLU A OE1 1 
ATOM   47  O  OE2 . GLU A 1 13 ? 19.338  4.437   -4.305  1.00 30.04 ? 13  GLU A OE2 1 
ATOM   48  N  N   . LYS A 1 14 ? 13.840  5.658   -6.447  1.00 28.12 ? 14  LYS A N   1 
ATOM   49  C  CA  . LYS A 1 14 ? 12.956  6.583   -5.738  1.00 27.91 ? 14  LYS A CA  1 
ATOM   50  C  C   . LYS A 1 14 ? 11.611  5.922   -5.451  1.00 27.72 ? 14  LYS A C   1 
ATOM   51  O  O   . LYS A 1 14 ? 11.112  5.977   -4.327  1.00 27.67 ? 14  LYS A O   1 
ATOM   52  C  CB  . LYS A 1 14 ? 12.749  7.864   -6.553  1.00 27.96 ? 14  LYS A CB  1 
ATOM   53  C  CG  . LYS A 1 14 ? 11.969  8.959   -5.833  1.00 27.97 ? 14  LYS A CG  1 
ATOM   54  C  CD  . LYS A 1 14 ? 11.668  10.123  -6.760  1.00 28.11 ? 14  LYS A CD  1 
ATOM   55  C  CE  . LYS A 1 14 ? 10.824  11.180  -6.066  1.00 28.28 ? 14  LYS A CE  1 
ATOM   56  N  NZ  . LYS A 1 14 ? 10.435  12.270  -7.002  1.00 28.40 ? 14  LYS A NZ  1 
ATOM   57  N  N   . LEU A 1 15 ? 11.042  5.291   -6.474  1.00 27.56 ? 15  LEU A N   1 
ATOM   58  C  CA  . LEU A 1 15 ? 9.759   4.606   -6.352  1.00 27.50 ? 15  LEU A CA  1 
ATOM   59  C  C   . LEU A 1 15 ? 9.826   3.445   -5.356  1.00 27.68 ? 15  LEU A C   1 
ATOM   60  O  O   . LEU A 1 15 ? 8.920   3.275   -4.535  1.00 27.47 ? 15  LEU A O   1 
ATOM   61  C  CB  . LEU A 1 15 ? 9.278   4.126   -7.725  1.00 27.47 ? 15  LEU A CB  1 
ATOM   62  C  CG  . LEU A 1 15 ? 7.898   3.478   -7.850  1.00 27.24 ? 15  LEU A CG  1 
ATOM   63  C  CD1 . LEU A 1 15 ? 6.796   4.358   -7.279  1.00 27.22 ? 15  LEU A CD1 1 
ATOM   64  C  CD2 . LEU A 1 15 ? 7.625   3.174   -9.298  1.00 27.11 ? 15  LEU A CD2 1 
ATOM   65  N  N   . ALA A 1 16 ? 10.909  2.666   -5.429  1.00 27.84 ? 16  ALA A N   1 
ATOM   66  C  CA  . ALA A 1 16 ? 11.150  1.553   -4.510  1.00 28.09 ? 16  ALA A CA  1 
ATOM   67  C  C   . ALA A 1 16 ? 11.194  2.024   -3.064  1.00 28.27 ? 16  ALA A C   1 
ATOM   68  O  O   . ALA A 1 16 ? 10.601  1.397   -2.185  1.00 28.46 ? 16  ALA A O   1 
ATOM   69  C  CB  . ALA A 1 16 ? 12.445  0.828   -4.869  1.00 28.03 ? 16  ALA A CB  1 
ATOM   70  N  N   . ASN A 1 17 ? 11.898  3.130   -2.836  1.00 28.45 ? 17  ASN A N   1 
ATOM   71  C  CA  . ASN A 1 17 ? 11.991  3.751   -1.518  1.00 28.61 ? 17  ASN A CA  1 
ATOM   72  C  C   . ASN A 1 17 ? 10.634  4.251   -1.026  1.00 28.63 ? 17  ASN A C   1 
ATOM   73  O  O   . ASN A 1 17 ? 10.296  4.081   0.146   1.00 28.71 ? 17  ASN A O   1 
ATOM   74  C  CB  . ASN A 1 17 ? 13.001  4.902   -1.540  1.00 28.61 ? 17  ASN A CB  1 
ATOM   75  C  CG  . ASN A 1 17 ? 14.448  4.426   -1.613  1.00 28.98 ? 17  ASN A CG  1 
ATOM   76  O  OD1 . ASN A 1 17 ? 14.756  3.272   -1.312  1.00 29.67 ? 17  ASN A OD1 1 
ATOM   77  N  ND2 . ASN A 1 17 ? 15.345  5.325   -2.005  1.00 28.97 ? 17  ASN A ND2 1 
ATOM   78  N  N   . GLU A 1 18 ? 9.871   4.865   -1.931  1.00 28.55 ? 18  GLU A N   1 
ATOM   79  C  CA  . GLU A 1 18 ? 8.524   5.365   -1.633  1.00 28.67 ? 18  GLU A CA  1 
ATOM   80  C  C   . GLU A 1 18 ? 7.559   4.241   -1.268  1.00 28.34 ? 18  GLU A C   1 
ATOM   81  O  O   . GLU A 1 18 ? 6.850   4.330   -0.264  1.00 28.20 ? 18  GLU A O   1 
ATOM   82  C  CB  . GLU A 1 18 ? 7.973   6.169   -2.813  1.00 28.71 ? 18  GLU A CB  1 
ATOM   83  C  CG  . GLU A 1 18 ? 8.534   7.580   -2.926  1.00 29.02 ? 18  GLU A CG  1 
ATOM   84  C  CD  . GLU A 1 18 ? 8.131   8.283   -4.212  1.00 29.17 ? 18  GLU A CD  1 
ATOM   85  O  OE1 . GLU A 1 18 ? 7.787   7.596   -5.200  1.00 29.70 ? 18  GLU A OE1 1 
ATOM   86  O  OE2 . GLU A 1 18 ? 8.169   9.531   -4.236  1.00 29.58 ? 18  GLU A OE2 1 
ATOM   87  N  N   . LEU A 1 19 ? 7.543   3.187   -2.081  1.00 28.19 ? 19  LEU A N   1 
ATOM   88  C  CA  . LEU A 1 19 ? 6.696   2.019   -1.831  1.00 28.01 ? 19  LEU A CA  1 
ATOM   89  C  C   . LEU A 1 19 ? 7.080   1.298   -0.537  1.00 27.97 ? 19  LEU A C   1 
ATOM   90  O  O   . LEU A 1 19 ? 6.211   0.792   0.174   1.00 28.23 ? 19  LEU A O   1 
ATOM   91  C  CB  . LEU A 1 19 ? 6.721   1.061   -3.029  1.00 27.82 ? 19  LEU A CB  1 
ATOM   92  C  CG  . LEU A 1 19 ? 5.723   -0.101  -3.070  1.00 27.63 ? 19  LEU A CG  1 
ATOM   93  C  CD1 . LEU A 1 19 ? 4.272   0.387   -3.051  1.00 26.79 ? 19  LEU A CD1 1 
ATOM   94  C  CD2 . LEU A 1 19 ? 5.976   -0.985  -4.283  1.00 27.69 ? 19  LEU A CD2 1 
ATOM   95  N  N   . LYS A 1 20 ? 8.378   1.258   -0.234  1.00 27.94 ? 20  LYS A N   1 
ATOM   96  C  CA  . LYS A 1 20 ? 8.864   0.693   1.027   1.00 27.64 ? 20  LYS A CA  1 
ATOM   97  C  C   . LYS A 1 20 ? 8.321   1.476   2.228   1.00 27.37 ? 20  LYS A C   1 
ATOM   98  O  O   . LYS A 1 20 ? 7.917   0.881   3.230   1.00 27.03 ? 20  LYS A O   1 
ATOM   99  C  CB  . LYS A 1 20 ? 10.400  0.656   1.041   1.00 27.73 ? 20  LYS A CB  1 
ATOM   100 C  CG  . LYS A 1 20 ? 11.045  0.324   2.387   1.00 28.60 ? 20  LYS A CG  1 
ATOM   101 C  CD  . LYS A 1 20 ? 10.871  -1.134  2.779   1.00 29.69 ? 20  LYS A CD  1 
ATOM   102 C  CE  . LYS A 1 20 ? 11.586  -1.432  4.090   1.00 29.95 ? 20  LYS A CE  1 
ATOM   103 N  NZ  . LYS A 1 20 ? 11.456  -2.859  4.490   1.00 30.35 ? 20  LYS A NZ  1 
ATOM   104 N  N   . SER A 1 21 ? 8.301   2.804   2.106   1.00 27.19 ? 21  SER A N   1 
ATOM   105 C  CA  . SER A 1 21 ? 7.799   3.694   3.156   1.00 27.01 ? 21  SER A CA  1 
ATOM   106 C  C   . SER A 1 21 ? 6.304   3.522   3.401   1.00 26.67 ? 21  SER A C   1 
ATOM   107 O  O   . SER A 1 21 ? 5.856   3.551   4.548   1.00 26.49 ? 21  SER A O   1 
ATOM   108 C  CB  . SER A 1 21 ? 8.100   5.157   2.820   1.00 27.06 ? 21  SER A CB  1 
ATOM   109 O  OG  . SER A 1 21 ? 9.423   5.507   3.183   1.00 28.01 ? 21  SER A OG  1 
ATOM   110 N  N   . LEU A 1 22 ? 5.540   3.356   2.320   1.00 26.37 ? 22  LEU A N   1 
ATOM   111 C  CA  . LEU A 1 22 ? 4.104   3.101   2.413   1.00 25.90 ? 22  LEU A CA  1 
ATOM   112 C  C   . LEU A 1 22 ? 3.846   1.775   3.102   1.00 25.76 ? 22  LEU A C   1 
ATOM   113 O  O   . LEU A 1 22 ? 2.967   1.675   3.954   1.00 25.82 ? 22  LEU A O   1 
ATOM   114 C  CB  . LEU A 1 22 ? 3.455   3.082   1.029   1.00 25.77 ? 22  LEU A CB  1 
ATOM   115 C  CG  . LEU A 1 22 ? 3.069   4.394   0.350   1.00 25.68 ? 22  LEU A CG  1 
ATOM   116 C  CD1 . LEU A 1 22 ? 2.341   4.091   -0.949  1.00 25.49 ? 22  LEU A CD1 1 
ATOM   117 C  CD2 . LEU A 1 22 ? 2.200   5.244   1.254   1.00 25.66 ? 22  LEU A CD2 1 
ATOM   118 N  N   . LEU A 1 23 ? 4.628   0.766   2.729   1.00 25.73 ? 23  LEU A N   1 
ATOM   119 C  CA  . LEU A 1 23 ? 4.512   -0.565  3.318   1.00 25.71 ? 23  LEU A CA  1 
ATOM   120 C  C   . LEU A 1 23 ? 4.895   -0.610  4.794   1.00 25.67 ? 23  LEU A C   1 
ATOM   121 O  O   . LEU A 1 23 ? 4.429   -1.482  5.527   1.00 25.70 ? 23  LEU A O   1 
ATOM   122 C  CB  . LEU A 1 23 ? 5.322   -1.589  2.518   1.00 25.73 ? 23  LEU A CB  1 
ATOM   123 C  CG  . LEU A 1 23 ? 4.707   -2.033  1.187   1.00 25.63 ? 23  LEU A CG  1 
ATOM   124 C  CD1 . LEU A 1 23 ? 5.709   -2.844  0.385   1.00 25.66 ? 23  LEU A CD1 1 
ATOM   125 C  CD2 . LEU A 1 23 ? 3.421   -2.826  1.404   1.00 24.85 ? 23  LEU A CD2 1 
ATOM   126 N  N   . ASP A 1 24 ? 5.736   0.332   5.221   1.00 25.71 ? 24  ASP A N   1 
ATOM   127 C  CA  . ASP A 1 24 ? 6.140   0.450   6.628   1.00 25.68 ? 24  ASP A CA  1 
ATOM   128 C  C   . ASP A 1 24 ? 4.982   0.849   7.542   1.00 25.52 ? 24  ASP A C   1 
ATOM   129 O  O   . ASP A 1 24 ? 5.045   0.644   8.752   1.00 25.27 ? 24  ASP A O   1 
ATOM   130 C  CB  . ASP A 1 24 ? 7.302   1.435   6.788   1.00 25.87 ? 24  ASP A CB  1 
ATOM   131 C  CG  . ASP A 1 24 ? 8.654   0.802   6.513   1.00 26.71 ? 24  ASP A CG  1 
ATOM   132 O  OD1 . ASP A 1 24 ? 8.719   -0.423  6.265   1.00 28.00 ? 24  ASP A OD1 1 
ATOM   133 O  OD2 . ASP A 1 24 ? 9.664   1.535   6.555   1.00 27.82 ? 24  ASP A OD2 1 
ATOM   134 N  N   . GLU A 1 25 ? 3.932   1.424   6.963   1.00 25.27 ? 25  GLU A N   1 
ATOM   135 C  CA  . GLU A 1 25 ? 2.725   1.731   7.726   1.00 25.34 ? 25  GLU A CA  1 
ATOM   136 C  C   . GLU A 1 25 ? 1.532   0.841   7.352   1.00 25.13 ? 25  GLU A C   1 
ATOM   137 O  O   . GLU A 1 25 ? 0.393   1.133   7.724   1.00 25.32 ? 25  GLU A O   1 
ATOM   138 C  CB  . GLU A 1 25 ? 2.371   3.227   7.667   1.00 25.46 ? 25  GLU A CB  1 
ATOM   139 C  CG  . GLU A 1 25 ? 2.386   3.857   6.283   1.00 25.67 ? 25  GLU A CG  1 
ATOM   140 C  CD  . GLU A 1 25 ? 2.084   5.353   6.308   1.00 25.84 ? 25  GLU A CD  1 
ATOM   141 O  OE1 . GLU A 1 25 ? 1.151   5.775   7.027   1.00 26.72 ? 25  GLU A OE1 1 
ATOM   142 O  OE2 . GLU A 1 25 ? 2.778   6.107   5.595   1.00 26.21 ? 25  GLU A OE2 1 
ATOM   143 N  N   . LEU A 1 26 ? 1.798   -0.255  6.642   1.00 24.70 ? 26  LEU A N   1 
ATOM   144 C  CA  . LEU A 1 26 ? 0.742   -1.193  6.259   1.00 24.25 ? 26  LEU A CA  1 
ATOM   145 C  C   . LEU A 1 26 ? 0.089   -1.821  7.481   1.00 24.32 ? 26  LEU A C   1 
ATOM   146 O  O   . LEU A 1 26 ? -1.137  -1.845  7.594   1.00 24.48 ? 26  LEU A O   1 
ATOM   147 C  CB  . LEU A 1 26 ? 1.280   -2.286  5.327   1.00 24.20 ? 26  LEU A CB  1 
ATOM   148 C  CG  . LEU A 1 26 ? 0.311   -3.403  4.922   1.00 23.71 ? 26  LEU A CG  1 
ATOM   149 C  CD1 . LEU A 1 26 ? -0.884  -2.852  4.138   1.00 23.12 ? 26  LEU A CD1 1 
ATOM   150 C  CD2 . LEU A 1 26 ? 1.036   -4.487  4.132   1.00 23.91 ? 26  LEU A CD2 1 
ATOM   151 N  N   . ASN A 1 27 ? 0.912   -2.328  8.393   1.00 24.20 ? 27  ASN A N   1 
ATOM   152 C  CA  . ASN A 1 27 ? 0.411   -3.004  9.585   1.00 24.18 ? 27  ASN A CA  1 
ATOM   153 C  C   . ASN A 1 27 ? -0.434  -2.108  10.485  1.00 23.93 ? 27  ASN A C   1 
ATOM   154 O  O   . ASN A 1 27 ? -1.474  -2.539  10.979  1.00 23.58 ? 27  ASN A O   1 
ATOM   155 C  CB  . ASN A 1 27 ? 1.560   -3.637  10.369  1.00 24.40 ? 27  ASN A CB  1 
ATOM   156 C  CG  . ASN A 1 27 ? 2.144   -4.853  9.671   1.00 24.80 ? 27  ASN A CG  1 
ATOM   157 O  OD1 . ASN A 1 27 ? 1.464   -5.532  8.901   1.00 26.24 ? 27  ASN A OD1 1 
ATOM   158 N  ND2 . ASN A 1 27 ? 3.409   -5.139  9.948   1.00 25.71 ? 27  ASN A ND2 1 
ATOM   159 N  N   . VAL A 1 28 ? 0.002   -0.864  10.682  1.00 23.93 ? 28  VAL A N   1 
ATOM   160 C  CA  . VAL A 1 28 ? -0.730  0.073   11.539  1.00 24.03 ? 28  VAL A CA  1 
ATOM   161 C  C   . VAL A 1 28 ? -2.062  0.462   10.900  1.00 24.07 ? 28  VAL A C   1 
ATOM   162 O  O   . VAL A 1 28 ? -3.081  0.584   11.588  1.00 24.16 ? 28  VAL A O   1 
ATOM   163 C  CB  . VAL A 1 28 ? 0.115   1.326   11.935  1.00 24.08 ? 28  VAL A CB  1 
ATOM   164 C  CG1 . VAL A 1 28 ? 0.448   2.188   10.730  1.00 24.28 ? 28  VAL A CG1 1 
ATOM   165 C  CG2 . VAL A 1 28 ? -0.593  2.140   13.004  1.00 24.43 ? 28  VAL A CG2 1 
ATOM   166 N  N   . ASN A 1 29 ? -2.048  0.638   9.582   1.00 24.01 ? 29  ASN A N   1 
ATOM   167 C  CA  . ASN A 1 29 ? -3.262  0.949   8.853   1.00 23.99 ? 29  ASN A CA  1 
ATOM   168 C  C   . ASN A 1 29 ? -4.232  -0.228  8.815   1.00 23.94 ? 29  ASN A C   1 
ATOM   169 O  O   . ASN A 1 29 ? -5.440  -0.035  8.934   1.00 23.88 ? 29  ASN A O   1 
ATOM   170 C  CB  . ASN A 1 29 ? -2.936  1.465   7.451   1.00 24.27 ? 29  ASN A CB  1 
ATOM   171 C  CG  . ASN A 1 29 ? -2.449  2.906   7.455   1.00 24.77 ? 29  ASN A CG  1 
ATOM   172 O  OD1 . ASN A 1 29 ? -2.714  3.664   8.392   1.00 26.04 ? 29  ASN A OD1 1 
ATOM   173 N  ND2 . ASN A 1 29 ? -1.739  3.294   6.402   1.00 24.96 ? 29  ASN A ND2 1 
ATOM   174 N  N   . GLU A 1 30 ? -3.705  -1.446  8.690   1.00 23.80 ? 30  GLU A N   1 
ATOM   175 C  CA  . GLU A 1 30 ? -4.546  -2.646  8.709   1.00 23.92 ? 30  GLU A CA  1 
ATOM   176 C  C   . GLU A 1 30 ? -5.243  -2.815  10.060  1.00 23.60 ? 30  GLU A C   1 
ATOM   177 O  O   . GLU A 1 30 ? -6.423  -3.167  10.121  1.00 23.28 ? 30  GLU A O   1 
ATOM   178 C  CB  . GLU A 1 30 ? -3.739  -3.900  8.364   1.00 23.70 ? 30  GLU A CB  1 
ATOM   179 C  CG  . GLU A 1 30 ? -4.607  -5.139  8.154   1.00 24.77 ? 30  GLU A CG  1 
ATOM   180 C  CD  . GLU A 1 30 ? -3.901  -6.267  7.410   1.00 24.91 ? 30  GLU A CD  1 
ATOM   181 O  OE1 . GLU A 1 30 ? -2.949  -5.996  6.643   1.00 26.46 ? 30  GLU A OE1 1 
ATOM   182 O  OE2 . GLU A 1 30 ? -4.315  -7.436  7.582   1.00 26.48 ? 30  GLU A OE2 1 
ATOM   183 N  N   . LEU A 1 31 ? -4.502  -2.551  11.135  1.00 23.55 ? 31  LEU A N   1 
ATOM   184 C  CA  . LEU A 1 31 ? -5.048  -2.577  12.494  1.00 23.34 ? 31  LEU A CA  1 
ATOM   185 C  C   . LEU A 1 31 ? -6.129  -1.521  12.685  1.00 23.11 ? 31  LEU A C   1 
ATOM   186 O  O   . LEU A 1 31 ? -7.125  -1.757  13.368  1.00 22.94 ? 31  LEU A O   1 
ATOM   187 C  CB  . LEU A 1 31 ? -3.938  -2.378  13.530  1.00 23.55 ? 31  LEU A CB  1 
ATOM   188 C  CG  . LEU A 1 31 ? -2.916  -3.509  13.688  1.00 23.68 ? 31  LEU A CG  1 
ATOM   189 C  CD1 . LEU A 1 31 ? -1.760  -3.059  14.569  1.00 24.32 ? 31  LEU A CD1 1 
ATOM   190 C  CD2 . LEU A 1 31 ? -3.561  -4.778  14.240  1.00 23.85 ? 31  LEU A CD2 1 
ATOM   191 N  N   . ALA A 1 32 ? -5.924  -0.360  12.068  1.00 23.02 ? 32  ALA A N   1 
ATOM   192 C  CA  . ALA A 1 32 ? -6.876  0.746   12.125  1.00 23.03 ? 32  ALA A CA  1 
ATOM   193 C  C   . ALA A 1 32 ? -8.228  0.406   11.492  1.00 22.96 ? 32  ALA A C   1 
ATOM   194 O  O   . ALA A 1 32 ? -9.256  0.930   11.921  1.00 22.93 ? 32  ALA A O   1 
ATOM   195 C  CB  . ALA A 1 32 ? -6.282  1.986   11.475  1.00 23.04 ? 32  ALA A CB  1 
ATOM   196 N  N   . THR A 1 33 ? -8.227  -0.474  10.488  1.00 22.69 ? 33  THR A N   1 
ATOM   197 C  CA  . THR A 1 33 ? -9.464  -0.869  9.788   1.00 22.62 ? 33  THR A CA  1 
ATOM   198 C  C   . THR A 1 33 ? -10.401 -1.699  10.668  1.00 22.09 ? 33  THR A C   1 
ATOM   199 O  O   . THR A 1 33 ? -11.551 -1.946  10.302  1.00 22.15 ? 33  THR A O   1 
ATOM   200 C  CB  . THR A 1 33 ? -9.192  -1.656  8.483   1.00 22.68 ? 33  THR A CB  1 
ATOM   201 O  OG1 . THR A 1 33 ? -8.633  -2.938  8.793   1.00 23.16 ? 33  THR A OG1 1 
ATOM   202 C  CG2 . THR A 1 33 ? -8.246  -0.892  7.565   1.00 22.99 ? 33  THR A CG2 1 
ATOM   203 N  N   . GLY A 1 34 ? -9.900  -2.126  11.823  1.00 21.82 ? 34  GLY A N   1 
ATOM   204 C  CA  . GLY A 1 34 ? -10.692 -2.893  12.785  1.00 21.18 ? 34  GLY A CA  1 
ATOM   205 C  C   . GLY A 1 34 ? -11.926 -2.152  13.270  1.00 20.79 ? 34  GLY A C   1 
ATOM   206 O  O   . GLY A 1 34 ? -12.908 -2.770  13.675  1.00 20.85 ? 34  GLY A O   1 
ATOM   207 N  N   . SER A 1 35 ? -11.870 -0.825  13.222  1.00 20.40 ? 35  SER A N   1 
ATOM   208 C  CA  . SER A 1 35 ? -12.988 0.017   13.645  1.00 20.04 ? 35  SER A CA  1 
ATOM   209 C  C   . SER A 1 35 ? -13.908 0.409   12.480  1.00 19.46 ? 35  SER A C   1 
ATOM   210 O  O   . SER A 1 35 ? -14.898 1.114   12.674  1.00 19.48 ? 35  SER A O   1 
ATOM   211 C  CB  . SER A 1 35 ? -12.468 1.268   14.367  1.00 20.14 ? 35  SER A CB  1 
ATOM   212 O  OG  . SER A 1 35 ? -11.735 2.107   13.490  1.00 21.30 ? 35  SER A OG  1 
ATOM   213 N  N   . LEU A 1 36 ? -13.591 -0.064  11.276  1.00 18.76 ? 36  LEU A N   1 
ATOM   214 C  CA  . LEU A 1 36 ? -14.322 0.329   10.071  1.00 18.19 ? 36  LEU A CA  1 
ATOM   215 C  C   . LEU A 1 36 ? -15.113 -0.828  9.467   1.00 18.11 ? 36  LEU A C   1 
ATOM   216 O  O   . LEU A 1 36 ? -14.999 -1.965  9.923   1.00 18.11 ? 36  LEU A O   1 
ATOM   217 C  CB  . LEU A 1 36 ? -13.345 0.879   9.029   1.00 17.91 ? 36  LEU A CB  1 
ATOM   218 C  CG  . LEU A 1 36 ? -12.389 2.002   9.430   1.00 17.72 ? 36  LEU A CG  1 
ATOM   219 C  CD1 . LEU A 1 36 ? -11.436 2.315   8.282   1.00 16.57 ? 36  LEU A CD1 1 
ATOM   220 C  CD2 . LEU A 1 36 ? -13.165 3.244   9.842   1.00 16.43 ? 36  LEU A CD2 1 
ATOM   221 N  N   . ASN A 1 37 ? -15.909 -0.531  8.438   1.00 17.89 ? 37  ASN A N   1 
ATOM   222 C  CA  . ASN A 1 37 ? -16.540 -1.564  7.612   1.00 18.02 ? 37  ASN A CA  1 
ATOM   223 C  C   . ASN A 1 37 ? -15.486 -2.575  7.177   1.00 17.95 ? 37  ASN A C   1 
ATOM   224 O  O   . ASN A 1 37 ? -14.359 -2.194  6.844   1.00 17.58 ? 37  ASN A O   1 
ATOM   225 C  CB  . ASN A 1 37 ? -17.213 -0.929  6.388   1.00 18.31 ? 37  ASN A CB  1 
ATOM   226 C  CG  . ASN A 1 37 ? -18.074 -1.917  5.602   1.00 19.42 ? 37  ASN A CG  1 
ATOM   227 O  OD1 . ASN A 1 37 ? -17.568 -2.826  4.943   1.00 20.25 ? 37  ASN A OD1 1 
ATOM   228 N  ND2 . ASN A 1 37 ? -19.390 -1.728  5.663   1.00 20.43 ? 37  ASN A ND2 1 
ATOM   229 N  N   . THR A 1 38 ? -15.845 -3.859  7.189   1.00 17.85 ? 38  THR A N   1 
ATOM   230 C  CA  . THR A 1 38 ? -14.897 -4.930  6.842   1.00 18.04 ? 38  THR A CA  1 
ATOM   231 C  C   . THR A 1 38 ? -14.348 -4.826  5.409   1.00 17.86 ? 38  THR A C   1 
ATOM   232 O  O   . THR A 1 38 ? -13.350 -5.466  5.069   1.00 17.98 ? 38  THR A O   1 
ATOM   233 C  CB  . THR A 1 38 ? -15.479 -6.339  7.115   1.00 18.02 ? 38  THR A CB  1 
ATOM   234 O  OG1 . THR A 1 38 ? -16.804 -6.428  6.583   1.00 18.29 ? 38  THR A OG1 1 
ATOM   235 C  CG2 . THR A 1 38 ? -15.527 -6.606  8.610   1.00 18.01 ? 38  THR A CG2 1 
ATOM   236 N  N   . TYR A 1 39 ? -14.998 -4.010  4.584   1.00 17.73 ? 39  TYR A N   1 
ATOM   237 C  CA  . TYR A 1 39 ? -14.471 -3.659  3.270   1.00 17.90 ? 39  TYR A CA  1 
ATOM   238 C  C   . TYR A 1 39 ? -13.016 -3.201  3.349   1.00 17.86 ? 39  TYR A C   1 
ATOM   239 O  O   . TYR A 1 39 ? -12.184 -3.615  2.546   1.00 17.68 ? 39  TYR A O   1 
ATOM   240 C  CB  . TYR A 1 39 ? -15.316 -2.556  2.613   1.00 17.78 ? 39  TYR A CB  1 
ATOM   241 C  CG  . TYR A 1 39 ? -14.639 -1.930  1.414   1.00 17.80 ? 39  TYR A CG  1 
ATOM   242 C  CD1 . TYR A 1 39 ? -14.793 -2.478  0.143   1.00 17.51 ? 39  TYR A CD1 1 
ATOM   243 C  CD2 . TYR A 1 39 ? -13.820 -0.805  1.554   1.00 18.02 ? 39  TYR A CD2 1 
ATOM   244 C  CE1 . TYR A 1 39 ? -14.162 -1.922  -0.959  1.00 18.17 ? 39  TYR A CE1 1 
ATOM   245 C  CE2 . TYR A 1 39 ? -13.178 -0.240  0.449   1.00 18.10 ? 39  TYR A CE2 1 
ATOM   246 C  CZ  . TYR A 1 39 ? -13.355 -0.808  -0.798  1.00 17.72 ? 39  TYR A CZ  1 
ATOM   247 O  OH  . TYR A 1 39 ? -12.735 -0.261  -1.897  1.00 18.38 ? 39  TYR A OH  1 
ATOM   248 N  N   . TYR A 1 40 ? -12.713 -2.341  4.314   1.00 17.87 ? 40  TYR A N   1 
ATOM   249 C  CA  . TYR A 1 40 ? -11.383 -1.736  4.400   1.00 18.06 ? 40  TYR A CA  1 
ATOM   250 C  C   . TYR A 1 40 ? -10.298 -2.750  4.757   1.00 18.13 ? 40  TYR A C   1 
ATOM   251 O  O   . TYR A 1 40 ? -9.202  -2.718  4.191   1.00 18.42 ? 40  TYR A O   1 
ATOM   252 C  CB  . TYR A 1 40 ? -11.385 -0.582  5.395   1.00 17.84 ? 40  TYR A CB  1 
ATOM   253 C  CG  . TYR A 1 40 ? -12.267 0.579   4.997   1.00 17.50 ? 40  TYR A CG  1 
ATOM   254 C  CD1 . TYR A 1 40 ? -11.785 1.594   4.185   1.00 18.00 ? 40  TYR A CD1 1 
ATOM   255 C  CD2 . TYR A 1 40 ? -13.581 0.668   5.449   1.00 17.60 ? 40  TYR A CD2 1 
ATOM   256 C  CE1 . TYR A 1 40 ? -12.588 2.672   3.828   1.00 17.79 ? 40  TYR A CE1 1 
ATOM   257 C  CE2 . TYR A 1 40 ? -14.392 1.738   5.098   1.00 17.68 ? 40  TYR A CE2 1 
ATOM   258 C  CZ  . TYR A 1 40 ? -13.888 2.738   4.287   1.00 17.88 ? 40  TYR A CZ  1 
ATOM   259 O  OH  . TYR A 1 40 ? -14.686 3.801   3.938   1.00 18.28 ? 40  TYR A OH  1 
ATOM   260 N  N   . LYS A 1 41 ? -10.619 -3.641  5.695   1.00 18.12 ? 41  LYS A N   1 
ATOM   261 C  CA  . LYS A 1 41 ? -9.726  -4.721  6.110   1.00 18.30 ? 41  LYS A CA  1 
ATOM   262 C  C   . LYS A 1 41 ? -9.383  -5.627  4.931   1.00 17.86 ? 41  LYS A C   1 
ATOM   263 O  O   . LYS A 1 41 ? -8.214  -5.915  4.678   1.00 17.61 ? 41  LYS A O   1 
ATOM   264 C  CB  . LYS A 1 41 ? -10.374 -5.525  7.253   1.00 18.68 ? 41  LYS A CB  1 
ATOM   265 C  CG  . LYS A 1 41 ? -9.627  -6.790  7.672   1.00 20.48 ? 41  LYS A CG  1 
ATOM   266 C  CD  . LYS A 1 41 ? -8.324  -6.493  8.398   1.00 22.65 ? 41  LYS A CD  1 
ATOM   267 C  CE  . LYS A 1 41 ? -7.861  -7.717  9.185   1.00 24.36 ? 41  LYS A CE  1 
ATOM   268 N  NZ  . LYS A 1 41 ? -6.476  -7.583  9.728   1.00 25.78 ? 41  LYS A NZ  1 
ATOM   269 N  N   . ARG A 1 42 ? -10.408 -6.052  4.205   1.00 17.61 ? 42  ARG A N   1 
ATOM   270 C  CA  . ARG A 1 42 ? -10.220 -6.929  3.049   1.00 17.37 ? 42  ARG A CA  1 
ATOM   271 C  C   . ARG A 1 42 ? -9.412  -6.231  1.957   1.00 17.42 ? 42  ARG A C   1 
ATOM   272 O  O   . ARG A 1 42 ? -8.512  -6.830  1.364   1.00 17.32 ? 42  ARG A O   1 
ATOM   273 C  CB  . ARG A 1 42 ? -11.572 -7.396  2.508   1.00 17.31 ? 42  ARG A CB  1 
ATOM   274 C  CG  . ARG A 1 42 ? -11.491 -8.295  1.268   1.00 16.91 ? 42  ARG A CG  1 
ATOM   275 C  CD  . ARG A 1 42 ? -12.850 -8.852  0.888   1.00 17.50 ? 42  ARG A CD  1 
ATOM   276 N  NE  . ARG A 1 42 ? -13.853 -7.796  0.836   1.00 18.23 ? 42  ARG A NE  1 
ATOM   277 C  CZ  . ARG A 1 42 ? -14.155 -7.084  -0.245  1.00 19.74 ? 42  ARG A CZ  1 
ATOM   278 N  NH1 . ARG A 1 42 ? -13.553 -7.322  -1.407  1.00 19.28 ? 42  ARG A NH1 1 
ATOM   279 N  NH2 . ARG A 1 42 ? -15.079 -6.134  -0.162  1.00 20.08 ? 42  ARG A NH2 1 
ATOM   280 N  N   . THR A 1 43 ? -9.739  -4.967  1.703   1.00 17.50 ? 43  THR A N   1 
ATOM   281 C  CA  . THR A 1 43 ? -9.122  -4.213  0.616   1.00 17.89 ? 43  THR A CA  1 
ATOM   282 C  C   . THR A 1 43 ? -7.657  -3.906  0.908   1.00 18.07 ? 43  THR A C   1 
ATOM   283 O  O   . THR A 1 43 ? -6.808  -4.002  0.016   1.00 17.90 ? 43  THR A O   1 
ATOM   284 C  CB  . THR A 1 43 ? -9.917  -2.927  0.302   1.00 17.68 ? 43  THR A CB  1 
ATOM   285 O  OG1 . THR A 1 43 ? -11.237 -3.296  -0.110  1.00 17.69 ? 43  THR A OG1 1 
ATOM   286 C  CG2 . THR A 1 43 ? -9.269  -2.127  -0.821  1.00 18.11 ? 43  THR A CG2 1 
ATOM   287 N  N   . ILE A 1 44 ? -7.353  -3.551  2.151   1.00 18.17 ? 44  ILE A N   1 
ATOM   288 C  CA  . ILE A 1 44 ? -5.972  -3.244  2.500   1.00 18.57 ? 44  ILE A CA  1 
ATOM   289 C  C   . ILE A 1 44 ? -5.060  -4.479  2.432   1.00 18.92 ? 44  ILE A C   1 
ATOM   290 O  O   . ILE A 1 44 ? -3.894  -4.366  2.049   1.00 19.31 ? 44  ILE A O   1 
ATOM   291 C  CB  . ILE A 1 44 ? -5.842  -2.483  3.843   1.00 18.22 ? 44  ILE A CB  1 
ATOM   292 C  CG1 . ILE A 1 44 ? -4.522  -1.694  3.861   1.00 18.03 ? 44  ILE A CG1 1 
ATOM   293 C  CG2 . ILE A 1 44 ? -6.017  -3.428  5.038   1.00 18.13 ? 44  ILE A CG2 1 
ATOM   294 C  CD1 . ILE A 1 44 ? -4.244  -0.937  5.127   1.00 16.80 ? 44  ILE A CD1 1 
ATOM   295 N  N   . LYS A 1 45 ? -5.599  -5.649  2.785   1.00 19.16 ? 45  LYS A N   1 
ATOM   296 C  CA  . LYS A 1 45 ? -4.850  -6.910  2.681   1.00 19.59 ? 45  LYS A CA  1 
ATOM   297 C  C   . LYS A 1 45 ? -4.478  -7.195  1.228   1.00 19.52 ? 45  LYS A C   1 
ATOM   298 O  O   . LYS A 1 45 ? -3.329  -7.520  0.931   1.00 19.12 ? 45  LYS A O   1 
ATOM   299 C  CB  . LYS A 1 45 ? -5.639  -8.084  3.274   1.00 19.44 ? 45  LYS A CB  1 
ATOM   300 C  CG  . LYS A 1 45 ? -5.797  -8.019  4.783   1.00 20.57 ? 45  LYS A CG  1 
ATOM   301 C  CD  . LYS A 1 45 ? -6.647  -9.168  5.331   1.00 20.60 ? 45  LYS A CD  1 
ATOM   302 C  CE  . LYS A 1 45 ? -5.789  -10.335 5.809   1.00 22.94 ? 45  LYS A CE  1 
ATOM   303 N  NZ  . LYS A 1 45 ? -6.608  -11.499 6.252   1.00 23.41 ? 45  LYS A NZ  1 
ATOM   304 N  N   . ILE A 1 46 ? -5.453  -7.041  0.335   1.00 19.43 ? 46  ILE A N   1 
ATOM   305 C  CA  . ILE A 1 46 ? -5.253  -7.253  -1.098  1.00 19.84 ? 46  ILE A CA  1 
ATOM   306 C  C   . ILE A 1 46 ? -4.221  -6.272  -1.661  1.00 19.76 ? 46  ILE A C   1 
ATOM   307 O  O   . ILE A 1 46 ? -3.270  -6.687  -2.329  1.00 19.92 ? 46  ILE A O   1 
ATOM   308 C  CB  . ILE A 1 46 ? -6.593  -7.155  -1.876  1.00 19.71 ? 46  ILE A CB  1 
ATOM   309 C  CG1 . ILE A 1 46 ? -7.508  -8.325  -1.491  1.00 19.89 ? 46  ILE A CG1 1 
ATOM   310 C  CG2 . ILE A 1 46 ? -6.353  -7.122  -3.393  1.00 20.07 ? 46  ILE A CG2 1 
ATOM   311 C  CD1 . ILE A 1 46 ? -8.954  -8.173  -1.934  1.00 20.47 ? 46  ILE A CD1 1 
ATOM   312 N  N   . SER A 1 47 ? -4.406  -4.986  -1.372  1.00 19.58 ? 47  SER A N   1 
ATOM   313 C  CA  . SER A 1 47 ? -3.502  -3.942  -1.856  1.00 19.48 ? 47  SER A CA  1 
ATOM   314 C  C   . SER A 1 47 ? -2.117  -4.072  -1.234  1.00 19.21 ? 47  SER A C   1 
ATOM   315 O  O   . SER A 1 47 ? -1.111  -3.870  -1.905  1.00 18.83 ? 47  SER A O   1 
ATOM   316 C  CB  . SER A 1 47 ? -4.092  -2.560  -1.578  1.00 19.69 ? 47  SER A CB  1 
ATOM   317 O  OG  . SER A 1 47 ? -5.327  -2.413  -2.257  1.00 21.60 ? 47  SER A OG  1 
ATOM   318 N  N   . GLY A 1 48 ? -2.080  -4.424  0.051   1.00 19.16 ? 48  GLY A N   1 
ATOM   319 C  CA  . GLY A 1 48 ? -0.828  -4.636  0.768   1.00 19.37 ? 48  GLY A CA  1 
ATOM   320 C  C   . GLY A 1 48 ? -0.019  -5.779  0.185   1.00 19.59 ? 48  GLY A C   1 
ATOM   321 O  O   . GLY A 1 48 ? 1.191   -5.650  0.009   1.00 19.48 ? 48  GLY A O   1 
ATOM   322 N  N   . GLN A 1 49 ? -0.691  -6.893  -0.115  1.00 19.65 ? 49  GLN A N   1 
ATOM   323 C  CA  . GLN A 1 49 ? -0.046  -8.062  -0.727  1.00 19.98 ? 49  GLN A CA  1 
ATOM   324 C  C   . GLN A 1 49 ? 0.530   -7.747  -2.103  1.00 19.88 ? 49  GLN A C   1 
ATOM   325 O  O   . GLN A 1 49 ? 1.672   -8.110  -2.406  1.00 19.90 ? 49  GLN A O   1 
ATOM   326 C  CB  . GLN A 1 49 ? -1.019  -9.239  -0.825  1.00 19.91 ? 49  GLN A CB  1 
ATOM   327 C  CG  . GLN A 1 49 ? -1.265  -9.951  0.493   1.00 20.49 ? 49  GLN A CG  1 
ATOM   328 C  CD  . GLN A 1 49 ? -2.367  -10.996 0.409   1.00 20.55 ? 49  GLN A CD  1 
ATOM   329 O  OE1 . GLN A 1 49 ? -3.178  -10.996 -0.521  1.00 21.60 ? 49  GLN A OE1 1 
ATOM   330 N  NE2 . GLN A 1 49 ? -2.405  -11.890 1.392   1.00 21.15 ? 49  GLN A NE2 1 
ATOM   331 N  N   . LYS A 1 50 ? -0.260  -7.061  -2.925  1.00 19.83 ? 50  LYS A N   1 
ATOM   332 C  CA  . LYS A 1 50 ? 0.174   -6.660  -4.258  1.00 19.96 ? 50  LYS A CA  1 
ATOM   333 C  C   . LYS A 1 50 ? 1.360   -5.701  -4.207  1.00 19.95 ? 50  LYS A C   1 
ATOM   334 O  O   . LYS A 1 50 ? 2.283   -5.818  -5.011  1.00 20.14 ? 50  LYS A O   1 
ATOM   335 C  CB  . LYS A 1 50 ? -0.993  -6.075  -5.057  1.00 20.00 ? 50  LYS A CB  1 
ATOM   336 C  CG  . LYS A 1 50 ? -1.922  -7.144  -5.613  1.00 20.41 ? 50  LYS A CG  1 
ATOM   337 C  CD  . LYS A 1 50 ? -3.220  -6.565  -6.155  1.00 21.62 ? 50  LYS A CD  1 
ATOM   338 C  CE  . LYS A 1 50 ? -4.224  -7.672  -6.463  1.00 21.51 ? 50  LYS A CE  1 
ATOM   339 N  NZ  . LYS A 1 50 ? -5.552  -7.147  -6.909  1.00 21.82 ? 50  LYS A NZ  1 
ATOM   340 N  N   . ALA A 1 51 ? 1.347   -4.775  -3.249  1.00 19.88 ? 51  ALA A N   1 
ATOM   341 C  CA  . ALA A 1 51 ? 2.455   -3.833  -3.068  1.00 19.78 ? 51  ALA A CA  1 
ATOM   342 C  C   . ALA A 1 51 ? 3.745   -4.536  -2.641  1.00 20.19 ? 51  ALA A C   1 
ATOM   343 O  O   . ALA A 1 51 ? 4.837   -4.168  -3.079  1.00 19.91 ? 51  ALA A O   1 
ATOM   344 C  CB  . ALA A 1 51 ? 2.077   -2.748  -2.070  1.00 19.71 ? 51  ALA A CB  1 
HETATM 345 N  N   A MSE A 1 52 ? 3.613   -5.548  -1.788  0.50 20.21 ? 52  MSE A N   1 
HETATM 346 N  N   B MSE A 1 52 ? 3.603   -5.547  -1.787  0.50 20.37 ? 52  MSE A N   1 
HETATM 347 C  CA  A MSE A 1 52 ? 4.767   -6.314  -1.326  0.50 20.52 ? 52  MSE A CA  1 
HETATM 348 C  CA  B MSE A 1 52 ? 4.738   -6.327  -1.306  0.50 20.72 ? 52  MSE A CA  1 
HETATM 349 C  C   A MSE A 1 52 ? 5.411   -7.089  -2.467  0.50 20.41 ? 52  MSE A C   1 
HETATM 350 C  C   B MSE A 1 52 ? 5.396   -7.115  -2.433  0.50 20.61 ? 52  MSE A C   1 
HETATM 351 O  O   A MSE A 1 52 ? 6.633   -7.094  -2.598  0.50 20.49 ? 52  MSE A O   1 
HETATM 352 O  O   B MSE A 1 52 ? 6.621   -7.151  -2.525  0.50 20.66 ? 52  MSE A O   1 
HETATM 353 C  CB  A MSE A 1 52 ? 4.381   -7.247  -0.184  0.50 20.43 ? 52  MSE A CB  1 
HETATM 354 C  CB  B MSE A 1 52 ? 4.319   -7.245  -0.158  0.50 21.10 ? 52  MSE A CB  1 
HETATM 355 C  CG  A MSE A 1 52 ? 4.053   -6.519  1.101   0.50 20.62 ? 52  MSE A CG  1 
HETATM 356 C  CG  B MSE A 1 52 ? 4.100   -6.502  1.144   0.50 21.91 ? 52  MSE A CG  1 
HETATM 357 SE SE  A MSE A 1 52 ? 3.788   -7.698  2.615   0.50 21.35 ? 52  MSE A SE  1 
HETATM 358 SE SE  B MSE A 1 52 ? 5.737   -6.193  2.152   0.50 25.38 ? 52  MSE A SE  1 
HETATM 359 C  CE  A MSE A 1 52 ? 2.382   -8.859  1.917   0.50 21.02 ? 52  MSE A CE  1 
HETATM 360 C  CE  B MSE A 1 52 ? 5.268   -7.251  3.712   0.50 23.10 ? 52  MSE A CE  1 
ATOM   361 N  N   . TYR A 1 53 ? 4.587   -7.729  -3.296  1.00 20.46 ? 53  TYR A N   1 
ATOM   362 C  CA  A TYR A 1 53 ? 5.092   -8.432  -4.476  0.50 20.42 ? 53  TYR A CA  1 
ATOM   363 C  CA  B TYR A 1 53 ? 5.126   -8.429  -4.455  0.50 20.55 ? 53  TYR A CA  1 
ATOM   364 C  C   . TYR A 1 53 ? 5.774   -7.466  -5.447  1.00 20.44 ? 53  TYR A C   1 
ATOM   365 O  O   . TYR A 1 53 ? 6.822   -7.774  -6.011  1.00 20.54 ? 53  TYR A O   1 
ATOM   366 C  CB  A TYR A 1 53 ? 3.969   -9.196  -5.193  0.50 20.26 ? 53  TYR A CB  1 
ATOM   367 C  CB  B TYR A 1 53 ? 4.074   -9.285  -5.172  0.50 20.53 ? 53  TYR A CB  1 
ATOM   368 C  CG  A TYR A 1 53 ? 3.715   -10.592 -4.657  0.50 20.14 ? 53  TYR A CG  1 
ATOM   369 C  CG  B TYR A 1 53 ? 4.619   -9.868  -6.457  0.50 20.65 ? 53  TYR A CG  1 
ATOM   370 C  CD1 A TYR A 1 53 ? 2.676   -10.840 -3.761  0.50 19.84 ? 53  TYR A CD1 1 
ATOM   371 C  CD1 B TYR A 1 53 ? 5.461   -10.981 -6.438  0.50 20.66 ? 53  TYR A CD1 1 
ATOM   372 C  CD2 A TYR A 1 53 ? 4.509   -11.668 -5.055  0.50 19.91 ? 53  TYR A CD2 1 
ATOM   373 C  CD2 B TYR A 1 53 ? 4.339   -9.277  -7.687  0.50 20.91 ? 53  TYR A CD2 1 
ATOM   374 C  CE1 A TYR A 1 53 ? 2.438   -12.117 -3.267  0.50 19.98 ? 53  TYR A CE1 1 
ATOM   375 C  CE1 B TYR A 1 53 ? 5.988   -11.503 -7.610  0.50 20.90 ? 53  TYR A CE1 1 
ATOM   376 C  CE2 A TYR A 1 53 ? 4.280   -12.953 -4.565  0.50 20.12 ? 53  TYR A CE2 1 
ATOM   377 C  CE2 B TYR A 1 53 ? 4.864   -9.794  -8.866  0.50 20.87 ? 53  TYR A CE2 1 
ATOM   378 C  CZ  A TYR A 1 53 ? 3.244   -13.169 -3.673  0.50 20.11 ? 53  TYR A CZ  1 
ATOM   379 C  CZ  B TYR A 1 53 ? 5.684   -10.904 -8.819  0.50 20.79 ? 53  TYR A CZ  1 
ATOM   380 O  OH  A TYR A 1 53 ? 3.013   -14.435 -3.188  0.50 20.05 ? 53  TYR A OH  1 
ATOM   381 O  OH  B TYR A 1 53 ? 6.202   -11.414 -9.981  0.50 20.86 ? 53  TYR A OH  1 
ATOM   382 N  N   . ALA A 1 54 ? 5.156   -6.305  -5.646  1.00 20.54 ? 54  ALA A N   1 
ATOM   383 C  CA  . ALA A 1 54 ? 5.704   -5.289  -6.544  1.00 20.46 ? 54  ALA A CA  1 
ATOM   384 C  C   . ALA A 1 54 ? 7.100   -4.861  -6.099  1.00 20.51 ? 54  ALA A C   1 
ATOM   385 O  O   . ALA A 1 54 ? 8.016   -4.775  -6.921  1.00 20.50 ? 54  ALA A O   1 
ATOM   386 C  CB  . ALA A 1 54 ? 4.784   -4.099  -6.625  1.00 20.38 ? 54  ALA A CB  1 
ATOM   387 N  N   . LEU A 1 55 ? 7.259   -4.612  -4.798  1.00 20.44 ? 55  LEU A N   1 
ATOM   388 C  CA  . LEU A 1 55 ? 8.532   -4.160  -4.238  1.00 20.24 ? 55  LEU A CA  1 
ATOM   389 C  C   . LEU A 1 55 ? 9.636   -5.197  -4.418  1.00 20.49 ? 55  LEU A C   1 
ATOM   390 O  O   . LEU A 1 55 ? 10.787  -4.842  -4.675  1.00 20.32 ? 55  LEU A O   1 
ATOM   391 C  CB  . LEU A 1 55 ? 8.381   -3.781  -2.759  1.00 20.14 ? 55  LEU A CB  1 
ATOM   392 C  CG  . LEU A 1 55 ? 9.603   -3.207  -2.029  1.00 19.74 ? 55  LEU A CG  1 
ATOM   393 C  CD1 . LEU A 1 55 ? 10.089  -1.909  -2.664  1.00 19.19 ? 55  LEU A CD1 1 
ATOM   394 C  CD2 . LEU A 1 55 ? 9.287   -2.993  -0.564  1.00 20.00 ? 55  LEU A CD2 1 
ATOM   395 N  N   . LYS A 1 56 ? 9.283   -6.475  -4.287  1.00 20.55 ? 56  LYS A N   1 
ATOM   396 C  CA  . LYS A 1 56 ? 10.261  -7.539  -4.489  1.00 20.68 ? 56  LYS A CA  1 
ATOM   397 C  C   . LYS A 1 56 ? 10.502  -7.850  -5.974  1.00 20.55 ? 56  LYS A C   1 
ATOM   398 O  O   . LYS A 1 56 ? 11.527  -8.426  -6.322  1.00 20.60 ? 56  LYS A O   1 
ATOM   399 C  CB  . LYS A 1 56 ? 9.919   -8.795  -3.671  1.00 20.88 ? 56  LYS A CB  1 
ATOM   400 C  CG  . LYS A 1 56 ? 8.826   -9.683  -4.236  1.00 21.03 ? 56  LYS A CG  1 
ATOM   401 C  CD  . LYS A 1 56 ? 8.672   -10.931 -3.383  1.00 20.78 ? 56  LYS A CD  1 
ATOM   402 C  CE  . LYS A 1 56 ? 8.065   -12.070 -4.180  1.00 21.11 ? 56  LYS A CE  1 
ATOM   403 N  NZ  . LYS A 1 56 ? 7.621   -13.185 -3.302  1.00 20.72 ? 56  LYS A NZ  1 
ATOM   404 N  N   . SER A 1 57 ? 9.564   -7.459  -6.838  1.00 20.45 ? 57  SER A N   1 
ATOM   405 C  CA  . SER A 1 57 ? 9.751   -7.574  -8.290  1.00 20.21 ? 57  SER A CA  1 
ATOM   406 C  C   . SER A 1 57 ? 10.739  -6.518  -8.786  1.00 20.12 ? 57  SER A C   1 
ATOM   407 O  O   . SER A 1 57 ? 11.473  -6.742  -9.760  1.00 20.02 ? 57  SER A O   1 
ATOM   408 C  CB  . SER A 1 57 ? 8.414   -7.440  -9.034  1.00 20.28 ? 57  SER A CB  1 
ATOM   409 O  OG  . SER A 1 57 ? 8.072   -6.078  -9.267  1.00 20.12 ? 57  SER A OG  1 
ATOM   410 N  N   . LYS A 1 58 ? 10.742  -5.372  -8.100  1.00 19.93 ? 58  LYS A N   1 
ATOM   411 C  CA  . LYS A 1 58 ? 11.568  -4.208  -8.439  1.00 19.67 ? 58  LYS A CA  1 
ATOM   412 C  C   . LYS A 1 58 ? 11.277  -3.636  -9.834  1.00 19.37 ? 58  LYS A C   1 
ATOM   413 O  O   . LYS A 1 58 ? 12.066  -2.853  -10.371 1.00 19.00 ? 58  LYS A O   1 
ATOM   414 C  CB  . LYS A 1 58 ? 13.062  -4.517  -8.257  1.00 19.77 ? 58  LYS A CB  1 
ATOM   415 C  CG  . LYS A 1 58 ? 13.649  -4.106  -6.907  1.00 20.25 ? 58  LYS A CG  1 
ATOM   416 C  CD  . LYS A 1 58 ? 14.025  -2.625  -6.900  1.00 21.49 ? 58  LYS A CD  1 
ATOM   417 C  CE  . LYS A 1 58 ? 15.185  -2.325  -5.949  1.00 22.05 ? 58  LYS A CE  1 
ATOM   418 N  NZ  . LYS A 1 58 ? 14.768  -2.233  -4.520  1.00 22.60 ? 58  LYS A NZ  1 
ATOM   419 N  N   . ASP A 1 59 ? 10.142  -4.035  -10.409 1.00 19.02 ? 59  ASP A N   1 
ATOM   420 C  CA  . ASP A 1 59 ? 9.691   -3.516  -11.700 1.00 18.90 ? 59  ASP A CA  1 
ATOM   421 C  C   . ASP A 1 59 ? 8.961   -2.190  -11.526 1.00 18.63 ? 59  ASP A C   1 
ATOM   422 O  O   . ASP A 1 59 ? 8.002   -2.100  -10.751 1.00 18.44 ? 59  ASP A O   1 
ATOM   423 C  CB  . ASP A 1 59 ? 8.778   -4.518  -12.412 1.00 19.10 ? 59  ASP A CB  1 
ATOM   424 C  CG  . ASP A 1 59 ? 8.144   -3.936  -13.667 1.00 19.63 ? 59  ASP A CG  1 
ATOM   425 O  OD1 . ASP A 1 59 ? 8.889   -3.543  -14.588 1.00 21.24 ? 59  ASP A OD1 1 
ATOM   426 O  OD2 . ASP A 1 59 ? 6.903   -3.868  -13.732 1.00 20.40 ? 59  ASP A OD2 1 
ATOM   427 N  N   . PHE A 1 60 ? 9.404   -1.175  -12.266 1.00 18.29 ? 60  PHE A N   1 
ATOM   428 C  CA  . PHE A 1 60 ? 8.846   0.170   -12.142 1.00 17.97 ? 60  PHE A CA  1 
ATOM   429 C  C   . PHE A 1 60 ? 7.324   0.201   -12.286 1.00 17.74 ? 60  PHE A C   1 
ATOM   430 O  O   . PHE A 1 60 ? 6.635   0.783   -11.453 1.00 17.29 ? 60  PHE A O   1 
ATOM   431 C  CB  . PHE A 1 60 ? 9.475   1.136   -13.150 1.00 18.11 ? 60  PHE A CB  1 
ATOM   432 C  CG  . PHE A 1 60 ? 8.941   2.536   -13.046 1.00 18.20 ? 60  PHE A CG  1 
ATOM   433 C  CD1 . PHE A 1 60 ? 9.586   3.480   -12.258 1.00 18.43 ? 60  PHE A CD1 1 
ATOM   434 C  CD2 . PHE A 1 60 ? 7.776   2.903   -13.716 1.00 18.14 ? 60  PHE A CD2 1 
ATOM   435 C  CE1 . PHE A 1 60 ? 9.089   4.773   -12.148 1.00 18.82 ? 60  PHE A CE1 1 
ATOM   436 C  CE2 . PHE A 1 60 ? 7.266   4.188   -13.606 1.00 18.30 ? 60  PHE A CE2 1 
ATOM   437 C  CZ  . PHE A 1 60 ? 7.924   5.127   -12.821 1.00 18.97 ? 60  PHE A CZ  1 
ATOM   438 N  N   . LYS A 1 61 ? 6.817   -0.428  -13.345 1.00 17.52 ? 61  LYS A N   1 
ATOM   439 C  CA  . LYS A 1 61 ? 5.390   -0.411  -13.660 1.00 17.61 ? 61  LYS A CA  1 
ATOM   440 C  C   . LYS A 1 61 ? 4.543   -1.084  -12.580 1.00 17.68 ? 61  LYS A C   1 
ATOM   441 O  O   . LYS A 1 61 ? 3.496   -0.560  -12.190 1.00 17.80 ? 61  LYS A O   1 
ATOM   442 C  CB  . LYS A 1 61 ? 5.143   -1.035  -15.034 1.00 17.54 ? 61  LYS A CB  1 
ATOM   443 C  CG  . LYS A 1 61 ? 5.903   -0.333  -16.149 1.00 17.66 ? 61  LYS A CG  1 
ATOM   444 C  CD  . LYS A 1 61 ? 5.507   -0.844  -17.514 1.00 17.59 ? 61  LYS A CD  1 
ATOM   445 C  CE  . LYS A 1 61 ? 5.949   0.116   -18.616 1.00 18.19 ? 61  LYS A CE  1 
ATOM   446 N  NZ  . LYS A 1 61 ? 7.394   -0.005  -18.962 1.00 18.39 ? 61  LYS A NZ  1 
ATOM   447 N  N   . LYS A 1 62 ? 5.001   -2.233  -12.085 1.00 17.83 ? 62  LYS A N   1 
ATOM   448 C  CA  . LYS A 1 62 ? 4.312   -2.923  -10.992 1.00 17.84 ? 62  LYS A CA  1 
ATOM   449 C  C   . LYS A 1 62 ? 4.342   -2.108  -9.701  1.00 17.93 ? 62  LYS A C   1 
ATOM   450 O  O   . LYS A 1 62 ? 3.337   -2.012  -9.002  1.00 17.70 ? 62  LYS A O   1 
ATOM   451 C  CB  . LYS A 1 62 ? 4.874   -4.334  -10.776 1.00 17.88 ? 62  LYS A CB  1 
ATOM   452 C  CG  . LYS A 1 62 ? 4.495   -5.316  -11.884 1.00 17.98 ? 62  LYS A CG  1 
ATOM   453 C  CD  . LYS A 1 62 ? 4.937   -6.739  -11.582 1.00 18.12 ? 62  LYS A CD  1 
ATOM   454 C  CE  . LYS A 1 62 ? 4.789   -7.614  -12.817 1.00 19.25 ? 62  LYS A CE  1 
ATOM   455 N  NZ  . LYS A 1 62 ? 5.047   -9.063  -12.556 1.00 19.35 ? 62  LYS A NZ  1 
HETATM 456 N  N   . MSE A 1 63 ? 5.494   -1.513  -9.399  1.00 17.97 ? 63  MSE A N   1 
HETATM 457 C  CA  . MSE A 1 63 ? 5.635   -0.664  -8.214  1.00 18.33 ? 63  MSE A CA  1 
HETATM 458 C  C   . MSE A 1 63 ? 4.801   0.613   -8.308  1.00 17.83 ? 63  MSE A C   1 
HETATM 459 O  O   . MSE A 1 63 ? 4.202   1.031   -7.321  1.00 17.86 ? 63  MSE A O   1 
HETATM 460 C  CB  . MSE A 1 63 ? 7.097   -0.312  -7.959  1.00 18.20 ? 63  MSE A CB  1 
HETATM 461 C  CG  . MSE A 1 63 ? 7.940   -1.481  -7.484  1.00 18.64 ? 63  MSE A CG  1 
HETATM 462 SE SE  . MSE A 1 63 ? 9.695   -0.951  -6.831  1.00 20.59 ? 63  MSE A SE  1 
HETATM 463 C  CE  . MSE A 1 63 ? 10.421  -0.116  -8.444  1.00 18.94 ? 63  MSE A CE  1 
ATOM   464 N  N   . SER A 1 64 ? 4.763   1.220   -9.493  1.00 17.43 ? 64  SER A N   1 
ATOM   465 C  CA  . SER A 1 64 ? 3.958   2.423   -9.723  1.00 17.08 ? 64  SER A CA  1 
ATOM   466 C  C   . SER A 1 64 ? 2.487   2.140   -9.434  1.00 16.84 ? 64  SER A C   1 
ATOM   467 O  O   . SER A 1 64 ? 1.843   2.856   -8.661  1.00 16.79 ? 64  SER A O   1 
ATOM   468 C  CB  . SER A 1 64 ? 4.130   2.918   -11.159 1.00 16.91 ? 64  SER A CB  1 
ATOM   469 O  OG  . SER A 1 64 ? 3.145   3.878   -11.490 1.00 17.11 ? 64  SER A OG  1 
ATOM   470 N  N   . GLU A 1 65 ? 1.966   1.089   -10.055 1.00 16.46 ? 65  GLU A N   1 
ATOM   471 C  CA  . GLU A 1 65 ? 0.584   0.686   -9.862  1.00 16.88 ? 65  GLU A CA  1 
ATOM   472 C  C   . GLU A 1 65 ? 0.278   0.331   -8.403  1.00 16.73 ? 65  GLU A C   1 
ATOM   473 O  O   . GLU A 1 65 ? -0.784  0.686   -7.884  1.00 16.43 ? 65  GLU A O   1 
ATOM   474 C  CB  . GLU A 1 65 ? 0.241   -0.472  -10.805 1.00 17.09 ? 65  GLU A CB  1 
ATOM   475 C  CG  . GLU A 1 65 ? -1.245  -0.753  -10.948 1.00 18.49 ? 65  GLU A CG  1 
ATOM   476 C  CD  . GLU A 1 65 ? -2.070  0.448   -11.411 1.00 20.51 ? 65  GLU A CD  1 
ATOM   477 O  OE1 . GLU A 1 65 ? -1.510  1.438   -11.933 1.00 20.54 ? 65  GLU A OE1 1 
ATOM   478 O  OE2 . GLU A 1 65 ? -3.303  0.391   -11.250 1.00 21.92 ? 65  GLU A OE2 1 
ATOM   479 N  N   . ALA A 1 66 ? 1.213   -0.359  -7.748  1.00 16.95 ? 66  ALA A N   1 
ATOM   480 C  CA  . ALA A 1 66 ? 1.060   -0.725  -6.340  1.00 16.89 ? 66  ALA A CA  1 
ATOM   481 C  C   . ALA A 1 66 ? 1.070   0.498   -5.420  1.00 17.19 ? 66  ALA A C   1 
ATOM   482 O  O   . ALA A 1 66 ? 0.305   0.544   -4.465  1.00 16.97 ? 66  ALA A O   1 
ATOM   483 C  CB  . ALA A 1 66 ? 2.116   -1.732  -5.919  1.00 17.22 ? 66  ALA A CB  1 
ATOM   484 N  N   . LYS A 1 67 ? 1.913   1.487   -5.717  1.00 17.19 ? 67  LYS A N   1 
ATOM   485 C  CA  . LYS A 1 67 ? 1.938   2.735   -4.946  1.00 17.77 ? 67  LYS A CA  1 
ATOM   486 C  C   . LYS A 1 67 ? 0.590   3.441   -5.054  1.00 17.77 ? 67  LYS A C   1 
ATOM   487 O  O   . LYS A 1 67 ? 0.024   3.874   -4.048  1.00 17.99 ? 67  LYS A O   1 
ATOM   488 C  CB  . LYS A 1 67 ? 3.052   3.680   -5.421  1.00 17.39 ? 67  LYS A CB  1 
ATOM   489 C  CG  . LYS A 1 67 ? 3.139   4.984   -4.621  1.00 17.89 ? 67  LYS A CG  1 
ATOM   490 C  CD  . LYS A 1 67 ? 4.294   5.878   -5.054  1.00 18.73 ? 67  LYS A CD  1 
ATOM   491 C  CE  . LYS A 1 67 ? 3.829   7.011   -5.963  1.00 20.09 ? 67  LYS A CE  1 
ATOM   492 N  NZ  . LYS A 1 67 ? 4.723   8.210   -5.908  1.00 22.04 ? 67  LYS A NZ  1 
ATOM   493 N  N   . TYR A 1 68 ? 0.087   3.539   -6.282  1.00 17.52 ? 68  TYR A N   1 
ATOM   494 C  CA  . TYR A 1 68 ? -1.198  4.168   -6.556  1.00 17.44 ? 68  TYR A CA  1 
ATOM   495 C  C   . TYR A 1 68 ? -2.323  3.478   -5.770  1.00 17.44 ? 68  TYR A C   1 
ATOM   496 O  O   . TYR A 1 68 ? -3.109  4.140   -5.079  1.00 16.96 ? 68  TYR A O   1 
ATOM   497 C  CB  . TYR A 1 68 ? -1.488  4.146   -8.066  1.00 17.63 ? 68  TYR A CB  1 
ATOM   498 C  CG  . TYR A 1 68 ? -2.925  4.460   -8.424  1.00 17.69 ? 68  TYR A CG  1 
ATOM   499 C  CD1 . TYR A 1 68 ? -3.399  5.768   -8.412  1.00 18.46 ? 68  TYR A CD1 1 
ATOM   500 C  CD2 . TYR A 1 68 ? -3.813  3.437   -8.772  1.00 18.63 ? 68  TYR A CD2 1 
ATOM   501 C  CE1 . TYR A 1 68 ? -4.718  6.054   -8.738  1.00 18.45 ? 68  TYR A CE1 1 
ATOM   502 C  CE2 . TYR A 1 68 ? -5.133  3.714   -9.092  1.00 18.80 ? 68  TYR A CE2 1 
ATOM   503 C  CZ  . TYR A 1 68 ? -5.576  5.023   -9.077  1.00 18.34 ? 68  TYR A CZ  1 
ATOM   504 O  OH  . TYR A 1 68 ? -6.883  5.299   -9.396  1.00 18.77 ? 68  TYR A OH  1 
ATOM   505 N  N   . GLN A 1 69 ? -2.384  2.153   -5.867  1.00 17.26 ? 69  GLN A N   1 
ATOM   506 C  CA  . GLN A 1 69 ? -3.461  1.391   -5.231  1.00 17.38 ? 69  GLN A CA  1 
ATOM   507 C  C   . GLN A 1 69 ? -3.367  1.443   -3.706  1.00 16.97 ? 69  GLN A C   1 
ATOM   508 O  O   . GLN A 1 69 ? -4.385  1.533   -3.015  1.00 16.96 ? 69  GLN A O   1 
ATOM   509 C  CB  . GLN A 1 69 ? -3.476  -0.062  -5.721  1.00 17.78 ? 69  GLN A CB  1 
ATOM   510 C  CG  . GLN A 1 69 ? -3.878  -0.229  -7.179  1.00 20.08 ? 69  GLN A CG  1 
ATOM   511 C  CD  . GLN A 1 69 ? -5.376  -0.230  -7.405  1.00 23.66 ? 69  GLN A CD  1 
ATOM   512 O  OE1 . GLN A 1 69 ? -6.169  -0.175  -6.462  1.00 26.13 ? 69  GLN A OE1 1 
ATOM   513 N  NE2 . GLN A 1 69 ? -5.774  -0.310  -8.671  1.00 25.62 ? 69  GLN A NE2 1 
ATOM   514 N  N   . LEU A 1 70 ? -2.146  1.392   -3.185  1.00 16.53 ? 70  LEU A N   1 
ATOM   515 C  CA  . LEU A 1 70 ? -1.957  1.417   -1.742  1.00 16.02 ? 70  LEU A CA  1 
ATOM   516 C  C   . LEU A 1 70 ? -2.249  2.802   -1.165  1.00 15.74 ? 70  LEU A C   1 
ATOM   517 O  O   . LEU A 1 70 ? -2.887  2.912   -0.118  1.00 15.21 ? 70  LEU A O   1 
ATOM   518 C  CB  . LEU A 1 70 ? -0.557  0.932   -1.364  1.00 15.87 ? 70  LEU A CB  1 
ATOM   519 C  CG  . LEU A 1 70 ? -0.308  0.490   0.072   1.00 15.85 ? 70  LEU A CG  1 
ATOM   520 C  CD1 . LEU A 1 70 ? -1.175  -0.701  0.487   1.00 14.72 ? 70  LEU A CD1 1 
ATOM   521 C  CD2 . LEU A 1 70 ? 1.166   0.160   0.236   1.00 16.15 ? 70  LEU A CD2 1 
ATOM   522 N  N   . GLN A 1 71 ? -1.809  3.852   -1.856  1.00 15.52 ? 71  GLN A N   1 
ATOM   523 C  CA  . GLN A 1 71 ? -2.147  5.212   -1.439  1.00 15.50 ? 71  GLN A CA  1 
ATOM   524 C  C   . GLN A 1 71 ? -3.661  5.448   -1.452  1.00 15.66 ? 71  GLN A C   1 
ATOM   525 O  O   . GLN A 1 71 ? -4.195  6.102   -0.552  1.00 15.63 ? 71  GLN A O   1 
ATOM   526 C  CB  . GLN A 1 71 ? -1.435  6.261   -2.297  1.00 15.42 ? 71  GLN A CB  1 
ATOM   527 C  CG  . GLN A 1 71 ? -1.558  7.676   -1.741  1.00 15.85 ? 71  GLN A CG  1 
ATOM   528 C  CD  . GLN A 1 71 ? -0.888  7.826   -0.389  1.00 16.44 ? 71  GLN A CD  1 
ATOM   529 O  OE1 . GLN A 1 71 ? 0.322   7.651   -0.260  1.00 16.33 ? 71  GLN A OE1 1 
ATOM   530 N  NE2 . GLN A 1 71 ? -1.672  8.161   0.624   1.00 16.57 ? 71  GLN A NE2 1 
ATOM   531 N  N   . LYS A 1 72 ? -4.340  4.903   -2.458  1.00 15.68 ? 72  LYS A N   1 
ATOM   532 C  CA  . LYS A 1 72 ? -5.795  5.006   -2.570  1.00 16.05 ? 72  LYS A CA  1 
ATOM   533 C  C   . LYS A 1 72 ? -6.504  4.490   -1.318  1.00 16.02 ? 72  LYS A C   1 
ATOM   534 O  O   . LYS A 1 72 ? -7.318  5.202   -0.723  1.00 15.87 ? 72  LYS A O   1 
ATOM   535 C  CB  . LYS A 1 72 ? -6.294  4.253   -3.809  1.00 15.87 ? 72  LYS A CB  1 
ATOM   536 C  CG  . LYS A 1 72 ? -7.817  4.278   -3.994  1.00 16.94 ? 72  LYS A CG  1 
ATOM   537 C  CD  . LYS A 1 72 ? -8.285  3.367   -5.122  1.00 16.96 ? 72  LYS A CD  1 
ATOM   538 C  CE  . LYS A 1 72 ? -7.898  3.914   -6.490  1.00 18.93 ? 72  LYS A CE  1 
ATOM   539 N  NZ  . LYS A 1 72 ? -8.396  3.062   -7.610  1.00 21.05 ? 72  LYS A NZ  1 
ATOM   540 N  N   . ILE A 1 73 ? -6.213  3.250   -0.935  1.00 15.81 ? 73  ILE A N   1 
ATOM   541 C  CA  . ILE A 1 73 ? -6.855  2.652   0.242   1.00 16.11 ? 73  ILE A CA  1 
ATOM   542 C  C   . ILE A 1 73 ? -6.424  3.349   1.543   1.00 16.26 ? 73  ILE A C   1 
ATOM   543 O  O   . ILE A 1 73 ? -7.237  3.518   2.461   1.00 16.63 ? 73  ILE A O   1 
ATOM   544 C  CB  . ILE A 1 73 ? -6.697  1.093   0.285   1.00 16.18 ? 73  ILE A CB  1 
ATOM   545 C  CG1 . ILE A 1 73 ? -7.508  0.472   1.437   1.00 16.54 ? 73  ILE A CG1 1 
ATOM   546 C  CG2 . ILE A 1 73 ? -5.230  0.667   0.354   1.00 16.18 ? 73  ILE A CG2 1 
ATOM   547 C  CD1 . ILE A 1 73 ? -9.009  0.805   1.429   1.00 16.41 ? 73  ILE A CD1 1 
ATOM   548 N  N   . TYR A 1 74 ? -5.168  3.778   1.611   1.00 16.17 ? 74  TYR A N   1 
ATOM   549 C  CA  . TYR A 1 74 ? -4.704  4.566   2.762   1.00 16.08 ? 74  TYR A CA  1 
ATOM   550 C  C   . TYR A 1 74 ? -5.521  5.849   2.902   1.00 16.34 ? 74  TYR A C   1 
ATOM   551 O  O   . TYR A 1 74 ? -5.933  6.199   4.010   1.00 15.99 ? 74  TYR A O   1 
ATOM   552 C  CB  . TYR A 1 74 ? -3.216  4.910   2.652   1.00 16.21 ? 74  TYR A CB  1 
ATOM   553 C  CG  . TYR A 1 74 ? -2.242  3.786   2.961   1.00 16.18 ? 74  TYR A CG  1 
ATOM   554 C  CD1 . TYR A 1 74 ? -2.661  2.449   3.067   1.00 16.03 ? 74  TYR A CD1 1 
ATOM   555 C  CD2 . TYR A 1 74 ? -0.881  4.061   3.096   1.00 16.56 ? 74  TYR A CD2 1 
ATOM   556 C  CE1 . TYR A 1 74 ? -1.746  1.426   3.330   1.00 16.45 ? 74  TYR A CE1 1 
ATOM   557 C  CE2 . TYR A 1 74 ? 0.039   3.053   3.350   1.00 16.32 ? 74  TYR A CE2 1 
ATOM   558 C  CZ  . TYR A 1 74 ? -0.394  1.739   3.467   1.00 16.13 ? 74  TYR A CZ  1 
ATOM   559 O  OH  . TYR A 1 74 ? 0.540   0.757   3.718   1.00 16.15 ? 74  TYR A OH  1 
ATOM   560 N  N   . ASN A 1 75 ? -5.749  6.543   1.786   1.00 15.89 ? 75  ASN A N   1 
ATOM   561 C  CA  . ASN A 1 75 ? -6.577  7.753   1.777   1.00 16.16 ? 75  ASN A CA  1 
ATOM   562 C  C   . ASN A 1 75 ? -8.008  7.480   2.216   1.00 16.51 ? 75  ASN A C   1 
ATOM   563 O  O   . ASN A 1 75 ? -8.576  8.242   3.005   1.00 16.14 ? 75  ASN A O   1 
ATOM   564 C  CB  . ASN A 1 75 ? -6.581  8.414   0.394   1.00 16.03 ? 75  ASN A CB  1 
ATOM   565 C  CG  . ASN A 1 75 ? -5.294  9.146   0.091   1.00 16.20 ? 75  ASN A CG  1 
ATOM   566 O  OD1 . ASN A 1 75 ? -4.405  9.253   0.935   1.00 16.28 ? 75  ASN A OD1 1 
ATOM   567 N  ND2 . ASN A 1 75 ? -5.188  9.661   -1.125  1.00 16.00 ? 75  ASN A ND2 1 
ATOM   568 N  N   . GLU A 1 76 ? -8.579  6.388   1.713   1.00 16.79 ? 76  GLU A N   1 
ATOM   569 C  CA  . GLU A 1 76 ? -9.954  6.012   2.057   1.00 17.76 ? 76  GLU A CA  1 
ATOM   570 C  C   . GLU A 1 76 ? -10.076 5.670   3.539   1.00 17.39 ? 76  GLU A C   1 
ATOM   571 O  O   . GLU A 1 76 ? -11.056 6.049   4.192   1.00 16.90 ? 76  GLU A O   1 
ATOM   572 C  CB  . GLU A 1 76 ? -10.437 4.847   1.193   1.00 17.79 ? 76  GLU A CB  1 
ATOM   573 C  CG  . GLU A 1 76 ? -10.600 5.196   -0.276  1.00 18.96 ? 76  GLU A CG  1 
ATOM   574 C  CD  . GLU A 1 76 ? -11.043 4.014   -1.135  1.00 19.94 ? 76  GLU A CD  1 
ATOM   575 O  OE1 . GLU A 1 76 ? -10.899 2.845   -0.701  1.00 23.71 ? 76  GLU A OE1 1 
ATOM   576 O  OE2 . GLU A 1 76 ? -11.532 4.254   -2.259  1.00 22.63 ? 76  GLU A OE2 1 
ATOM   577 N  N   . ILE A 1 77 ? -9.082  4.956   4.061   1.00 17.23 ? 77  ILE A N   1 
ATOM   578 C  CA  . ILE A 1 77 ? -9.032  4.611   5.477   1.00 17.25 ? 77  ILE A CA  1 
ATOM   579 C  C   . ILE A 1 77 ? -8.962  5.884   6.329   1.00 17.56 ? 77  ILE A C   1 
ATOM   580 O  O   . ILE A 1 77 ? -9.715  6.027   7.298   1.00 17.37 ? 77  ILE A O   1 
ATOM   581 C  CB  . ILE A 1 77 ? -7.860  3.642   5.792   1.00 17.13 ? 77  ILE A CB  1 
ATOM   582 C  CG1 . ILE A 1 77 ? -8.189  2.241   5.270   1.00 16.20 ? 77  ILE A CG1 1 
ATOM   583 C  CG2 . ILE A 1 77 ? -7.567  3.589   7.305   1.00 16.47 ? 77  ILE A CG2 1 
ATOM   584 C  CD1 . ILE A 1 77 ? -6.992  1.321   5.155   1.00 16.28 ? 77  ILE A CD1 1 
ATOM   585 N  N   . ASP A 1 78 ? -8.077  6.805   5.947   1.00 18.09 ? 78  ASP A N   1 
ATOM   586 C  CA  . ASP A 1 78 ? -7.891  8.060   6.679   1.00 18.69 ? 78  ASP A CA  1 
ATOM   587 C  C   . ASP A 1 78 ? -9.180  8.876   6.764   1.00 18.55 ? 78  ASP A C   1 
ATOM   588 O  O   . ASP A 1 78 ? -9.511  9.423   7.819   1.00 18.22 ? 78  ASP A O   1 
ATOM   589 C  CB  . ASP A 1 78 ? -6.766  8.891   6.058   1.00 19.23 ? 78  ASP A CB  1 
ATOM   590 C  CG  . ASP A 1 78 ? -5.380  8.324   6.353   1.00 21.77 ? 78  ASP A CG  1 
ATOM   591 O  OD1 . ASP A 1 78 ? -5.263  7.382   7.174   1.00 24.45 ? 78  ASP A OD1 1 
ATOM   592 O  OD2 . ASP A 1 78 ? -4.400  8.827   5.761   1.00 24.04 ? 78  ASP A OD2 1 
ATOM   593 N  N   . GLU A 1 79 ? -9.901  8.943   5.648   1.00 18.38 ? 79  GLU A N   1 
ATOM   594 C  CA  . GLU A 1 79 ? -11.188 9.617   5.588   1.00 18.50 ? 79  GLU A CA  1 
ATOM   595 C  C   . GLU A 1 79 ? -12.217 8.930   6.475   1.00 18.06 ? 79  GLU A C   1 
ATOM   596 O  O   . GLU A 1 79 ? -12.971 9.605   7.182   1.00 18.15 ? 79  GLU A O   1 
ATOM   597 C  CB  . GLU A 1 79 ? -11.693 9.679   4.145   1.00 18.96 ? 79  GLU A CB  1 
ATOM   598 C  CG  . GLU A 1 79 ? -11.032 10.757  3.310   1.00 21.43 ? 79  GLU A CG  1 
ATOM   599 C  CD  . GLU A 1 79 ? -11.372 12.160  3.781   1.00 24.52 ? 79  GLU A CD  1 
ATOM   600 O  OE1 . GLU A 1 79 ? -12.554 12.417  4.109   1.00 26.28 ? 79  GLU A OE1 1 
ATOM   601 O  OE2 . GLU A 1 79 ? -10.457 13.013  3.813   1.00 26.57 ? 79  GLU A OE2 1 
ATOM   602 N  N   . ALA A 1 80 ? -12.229 7.598   6.435   1.00 17.18 ? 80  ALA A N   1 
ATOM   603 C  CA  . ALA A 1 80 ? -13.168 6.779   7.200   1.00 16.95 ? 80  ALA A CA  1 
ATOM   604 C  C   . ALA A 1 80 ? -12.952 6.894   8.708   1.00 16.72 ? 80  ALA A C   1 
ATOM   605 O  O   . ALA A 1 80 ? -13.898 6.765   9.489   1.00 16.79 ? 80  ALA A O   1 
ATOM   606 C  CB  . ALA A 1 80 ? -13.068 5.327   6.765   1.00 17.02 ? 80  ALA A CB  1 
ATOM   607 N  N   . LEU A 1 81 ? -11.708 7.143   9.107   1.00 16.62 ? 81  LEU A N   1 
ATOM   608 C  CA  . LEU A 1 81 ? -11.349 7.231   10.523  1.00 16.80 ? 81  LEU A CA  1 
ATOM   609 C  C   . LEU A 1 81 ? -11.708 8.572   11.163  1.00 16.86 ? 81  LEU A C   1 
ATOM   610 O  O   . LEU A 1 81 ? -11.748 8.680   12.388  1.00 17.03 ? 81  LEU A O   1 
ATOM   611 C  CB  . LEU A 1 81 ? -9.856  6.947   10.715  1.00 16.77 ? 81  LEU A CB  1 
ATOM   612 C  CG  . LEU A 1 81 ? -9.345  5.520   10.479  1.00 16.92 ? 81  LEU A CG  1 
ATOM   613 C  CD1 . LEU A 1 81 ? -7.825  5.509   10.514  1.00 16.19 ? 81  LEU A CD1 1 
ATOM   614 C  CD2 . LEU A 1 81 ? -9.925  4.529   11.492  1.00 16.90 ? 81  LEU A CD2 1 
ATOM   615 N  N   . LYS A 1 82 ? -11.968 9.586   10.338  1.00 17.10 ? 82  LYS A N   1 
ATOM   616 C  CA  . LYS A 1 82 ? -12.332 10.916  10.833  1.00 17.54 ? 82  LYS A CA  1 
ATOM   617 C  C   . LYS A 1 82 ? -13.644 10.916  11.618  1.00 17.71 ? 82  LYS A C   1 
ATOM   618 O  O   . LYS A 1 82 ? -14.580 10.168  11.319  1.00 17.95 ? 82  LYS A O   1 
ATOM   619 C  CB  . LYS A 1 82 ? -12.415 11.922  9.687   1.00 17.63 ? 82  LYS A CB  1 
ATOM   620 C  CG  . LYS A 1 82 ? -11.088 12.197  9.001   1.00 18.35 ? 82  LYS A CG  1 
ATOM   621 C  CD  . LYS A 1 82 ? -11.233 13.264  7.929   1.00 20.48 ? 82  LYS A CD  1 
ATOM   622 C  CE  . LYS A 1 82 ? -9.931  13.457  7.170   1.00 20.71 ? 82  LYS A CE  1 
ATOM   623 N  NZ  . LYS A 1 82 ? -9.960  14.661  6.290   1.00 22.43 ? 82  LYS A NZ  1 
ATOM   624 O  OXT . LYS A 1 82 ? -13.789 11.671  12.581  1.00 17.60 ? 82  LYS A OXT 1 
HETATM 625 O  O   . HOH B 2 .  ? -15.884 8.364   12.629  1.00 18.74 ? 83  HOH A O   1 
HETATM 626 O  O   . HOH B 2 .  ? -14.689 6.022   12.111  1.00 18.16 ? 84  HOH A O   1 
HETATM 627 O  O   . HOH B 2 .  ? -1.150  -2.134  -4.104  1.00 20.97 ? 85  HOH A O   1 
HETATM 628 O  O   . HOH B 2 .  ? -16.461 2.275   7.799   1.00 20.35 ? 86  HOH A O   1 
HETATM 629 O  O   . HOH B 2 .  ? -11.708 6.542   14.050  1.00 20.41 ? 87  HOH A O   1 
HETATM 630 O  O   . HOH B 2 .  ? -7.546  11.042  3.084   1.00 23.90 ? 88  HOH A O   1 
HETATM 631 O  O   . HOH B 2 .  ? -15.309 9.682   8.696   1.00 19.53 ? 89  HOH A O   1 
HETATM 632 O  O   . HOH B 2 .  ? -15.655 1.086   15.249  1.00 24.96 ? 90  HOH A O   1 
HETATM 633 O  O   . HOH B 2 .  ? 1.353   -3.841  -8.762  1.00 21.29 ? 91  HOH A O   1 
HETATM 634 O  O   . HOH B 2 .  ? -16.428 3.734   11.632  1.00 26.78 ? 92  HOH A O   1 
HETATM 635 O  O   . HOH B 2 .  ? 3.109   -0.395  10.220  1.00 24.57 ? 93  HOH A O   1 
HETATM 636 O  O   . HOH B 2 .  ? -13.578 6.334   3.196   1.00 26.30 ? 94  HOH A O   1 
HETATM 637 O  O   . HOH B 2 .  ? -6.513  -0.050  -3.233  1.00 27.36 ? 95  HOH A O   1 
HETATM 638 O  O   . HOH B 2 .  ? -13.149 -4.234  9.734   1.00 36.49 ? 96  HOH A O   1 
HETATM 639 O  O   . HOH B 2 .  ? 3.889   -2.574  8.043   1.00 30.27 ? 97  HOH A O   1 
HETATM 640 O  O   . HOH B 2 .  ? 1.458   8.523   4.560   1.00 32.18 ? 98  HOH A O   1 
HETATM 641 O  O   . HOH B 2 .  ? -18.430 -4.301  8.491   1.00 23.52 ? 99  HOH A O   1 
HETATM 642 O  O   . HOH B 2 .  ? -7.963  10.009  10.004  1.00 28.42 ? 100 HOH A O   1 
HETATM 643 O  O   . HOH B 2 .  ? 2.378   -6.361  -7.725  1.00 30.48 ? 101 HOH A O   1 
HETATM 644 O  O   . HOH B 2 .  ? -20.879 -3.891  4.845   1.00 33.80 ? 102 HOH A O   1 
HETATM 645 O  O   . HOH B 2 .  ? 2.102   8.761   1.619   1.00 28.18 ? 103 HOH A O   1 
HETATM 646 O  O   . HOH B 2 .  ? -16.464 4.950   6.226   1.00 33.57 ? 104 HOH A O   1 
HETATM 647 O  O   . HOH B 2 .  ? 10.257  7.576   -9.447  1.00 32.48 ? 105 HOH A O   1 
HETATM 648 O  O   . HOH B 2 .  ? -1.216  -7.504  2.858   1.00 34.77 ? 106 HOH A O   1 
HETATM 649 O  O   . HOH B 2 .  ? -1.844  6.864   5.639   1.00 32.95 ? 107 HOH A O   1 
HETATM 650 O  O   . HOH B 2 .  ? 5.964   6.762   0.547   1.00 37.68 ? 108 HOH A O   1 
HETATM 651 O  O   . HOH B 2 .  ? -10.256 4.556   15.277  1.00 36.73 ? 109 HOH A O   1 
HETATM 652 O  O   . HOH B 2 .  ? -5.105  1.952   -12.158 1.00 33.26 ? 110 HOH A O   1 
HETATM 653 O  O   . HOH B 2 .  ? -8.236  -9.813  1.657   1.00 27.31 ? 111 HOH A O   1 
HETATM 654 O  O   . HOH B 2 .  ? 7.150   11.320  -5.981  1.00 31.67 ? 112 HOH A O   1 
HETATM 655 O  O   . HOH B 2 .  ? 1.821   7.748   -2.452  1.00 31.25 ? 113 HOH A O   1 
HETATM 656 O  O   . HOH B 2 .  ? -8.897  7.394   -2.339  1.00 38.86 ? 114 HOH A O   1 
HETATM 657 O  O   . HOH B 2 .  ? -1.053  8.398   3.540   1.00 26.91 ? 115 HOH A O   1 
HETATM 658 O  O   . HOH B 2 .  ? 4.542   7.810   -1.827  1.00 32.70 ? 116 HOH A O   1 
HETATM 659 O  O   . HOH B 2 .  ? -9.122  0.476   -3.300  1.00 32.15 ? 117 HOH A O   1 
HETATM 660 O  O   . HOH B 2 .  ? -6.484  4.726   -12.405 1.00 37.68 ? 118 HOH A O   1 
HETATM 661 O  O   . HOH B 2 .  ? -11.706 -3.596  -2.724  1.00 33.45 ? 119 HOH A O   1 
HETATM 662 O  O   . HOH B 2 .  ? 8.403   8.030   -7.674  1.00 31.00 ? 120 HOH A O   1 
HETATM 663 O  O   . HOH B 2 .  ? -13.986 -0.682  16.919  1.00 32.35 ? 121 HOH A O   1 
HETATM 664 O  O   . HOH B 2 .  ? -3.826  1.405   14.072  1.00 31.62 ? 122 HOH A O   1 
HETATM 665 O  O   . HOH B 2 .  ? -8.531  11.533  12.139  1.00 31.94 ? 123 HOH A O   1 
HETATM 666 O  O   . HOH B 2 .  ? -7.209  12.311  8.711   1.00 37.53 ? 124 HOH A O   1 
# 
